data_9F91
#
_entry.id   9F91
#
_cell.length_a   113.390
_cell.length_b   137.650
_cell.length_c   87.470
_cell.angle_alpha   90.000
_cell.angle_beta   90.000
_cell.angle_gamma   90.000
#
_symmetry.space_group_name_H-M   'P 21 21 2'
#
loop_
_entity.id
_entity.type
_entity.pdbx_description
1 polymer 'RSV90 Fab heavy chain'
2 polymer 'RSV90 Fab light chain'
3 polymer 'Designed single epitope Respiratory Syncytial Virus immunogen in complex with RSV90 fab'
4 water water
#
loop_
_entity_poly.entity_id
_entity_poly.type
_entity_poly.pdbx_seq_one_letter_code
_entity_poly.pdbx_strand_id
1 'polypeptide(L)'
;ETGEVQLVESGGGLVQPRRSLRLSCAASGFTFDDYTIHWVRQAPGKGLEWVSGITWNSGYIGYADSVKGRFTISRDNARN
SLYLQMNSLRAEDTALYYCVRDAYVSGSDYYYYGLDVWGRGTLVTVSSASTKGPSVFPLAPSSKSTSGGTAALGCLVKDY
FPEPVTVSWNSGALTSGVHTFPAVLQSSGLYSLSSVVTVPSSSLGTQTYICNVNHKPSNTKVDKKVEP
;
E,A
2 'polypeptide(L)'
;ETGEIVMTSSPATLSVSPGERVTLFCRASQSVISNLAWYQQKSGQAPRLLIYGASTRATGIPSRFSGSGSGTEFTLTISS
LQSEDFAVYFCQQYNNWPLTFGGGTQVNVQRTVAAPSVFIFPPSDEQLKSGTASVVCLLNNFYPREAKVQWKVDNALQSG
NSQESVTEQDSKDSTYSLSSTLTLSKADYEKHKVYACEVTHQGLSSPVTKSFNRGEC
;
F,B
3 'polypeptide(L)'
;MGWHHHHHHENLYFQGASMETEEEIIEKVKSALLSTNKAVISVELKGRTIPLYVEITKEGKLHLTAEGATEEEKEIIKEA
QKAFQEEIEHEAERKEK
;
I,J
#
# COMPACT_ATOMS: atom_id res chain seq x y z
N GLU A 4 -14.79 10.25 2.08
CA GLU A 4 -13.73 11.14 1.61
C GLU A 4 -12.77 10.42 0.66
N VAL A 5 -13.13 10.42 -0.62
CA VAL A 5 -12.29 9.78 -1.64
C VAL A 5 -11.02 10.61 -1.82
N GLN A 6 -9.87 10.01 -1.54
CA GLN A 6 -8.62 10.74 -1.65
C GLN A 6 -7.48 9.75 -1.83
N LEU A 7 -6.42 10.22 -2.49
CA LEU A 7 -5.17 9.49 -2.66
C LEU A 7 -4.04 10.33 -2.09
N VAL A 8 -3.22 9.71 -1.23
CA VAL A 8 -2.17 10.42 -0.50
C VAL A 8 -0.83 9.79 -0.85
N GLU A 9 0.06 10.58 -1.45
CA GLU A 9 1.36 10.09 -1.87
C GLU A 9 2.40 10.28 -0.77
N SER A 10 3.47 9.50 -0.85
CA SER A 10 4.58 9.58 0.09
C SER A 10 5.80 8.94 -0.55
N GLY A 11 6.98 9.36 -0.10
CA GLY A 11 8.24 8.77 -0.51
C GLY A 11 9.15 9.64 -1.33
N GLY A 12 8.72 10.86 -1.67
CA GLY A 12 9.55 11.72 -2.49
C GLY A 12 10.59 12.47 -1.67
N GLY A 13 11.69 12.82 -2.34
CA GLY A 13 12.74 13.58 -1.71
C GLY A 13 13.91 13.75 -2.65
N LEU A 14 15.05 14.13 -2.07
CA LEU A 14 16.27 14.33 -2.85
C LEU A 14 16.94 12.99 -3.11
N VAL A 15 17.30 12.75 -4.36
CA VAL A 15 17.96 11.51 -4.78
C VAL A 15 19.05 11.88 -5.78
N GLN A 16 20.15 11.14 -5.75
CA GLN A 16 21.23 11.37 -6.68
C GLN A 16 20.96 10.66 -8.00
N PRO A 17 21.56 11.13 -9.10
CA PRO A 17 21.43 10.43 -10.37
C PRO A 17 21.91 8.99 -10.28
N ARG A 18 21.30 8.12 -11.11
CA ARG A 18 21.69 6.69 -11.19
C ARG A 18 21.24 5.90 -9.96
N ARG A 19 20.62 6.54 -8.97
CA ARG A 19 20.22 5.83 -7.77
C ARG A 19 18.76 5.37 -7.90
N SER A 20 18.10 5.08 -6.77
CA SER A 20 16.75 4.54 -6.79
C SER A 20 15.89 5.19 -5.72
N LEU A 21 14.58 5.16 -5.93
CA LEU A 21 13.62 5.69 -4.97
C LEU A 21 12.29 4.99 -5.16
N ARG A 22 11.56 4.77 -4.07
CA ARG A 22 10.30 4.05 -4.08
C ARG A 22 9.20 4.97 -3.57
N LEU A 23 8.21 5.22 -4.43
CA LEU A 23 7.07 6.05 -4.09
C LEU A 23 5.89 5.19 -3.67
N SER A 24 5.08 5.74 -2.77
CA SER A 24 3.91 5.04 -2.25
C SER A 24 2.68 5.91 -2.40
N CYS A 25 1.51 5.27 -2.42
CA CYS A 25 0.24 5.96 -2.51
C CYS A 25 -0.78 5.19 -1.71
N ALA A 26 -1.49 5.88 -0.82
CA ALA A 26 -2.48 5.27 0.05
C ALA A 26 -3.88 5.72 -0.37
N ALA A 27 -4.77 4.76 -0.56
CA ALA A 27 -6.14 5.03 -0.99
C ALA A 27 -7.08 5.08 0.21
N SER A 28 -8.18 5.81 0.06
CA SER A 28 -9.10 6.02 1.17
C SER A 28 -10.47 6.38 0.62
N GLY A 29 -11.51 5.75 1.16
CA GLY A 29 -12.87 6.12 0.86
C GLY A 29 -13.47 5.52 -0.40
N PHE A 30 -12.86 4.46 -0.95
CA PHE A 30 -13.41 3.82 -2.13
C PHE A 30 -12.81 2.43 -2.27
N THR A 31 -13.48 1.59 -3.05
CA THR A 31 -13.02 0.23 -3.28
C THR A 31 -11.80 0.26 -4.19
N PHE A 32 -10.63 -0.01 -3.61
CA PHE A 32 -9.39 0.10 -4.36
C PHE A 32 -9.26 -0.99 -5.42
N ASP A 33 -9.87 -2.16 -5.19
CA ASP A 33 -9.74 -3.29 -6.10
C ASP A 33 -10.63 -3.19 -7.32
N ASP A 34 -11.36 -2.08 -7.52
CA ASP A 34 -12.23 -1.94 -8.67
C ASP A 34 -11.71 -0.98 -9.73
N TYR A 35 -10.69 -0.19 -9.42
CA TYR A 35 -10.22 0.86 -10.30
C TYR A 35 -8.80 0.59 -10.76
N THR A 36 -8.50 1.01 -11.98
CA THR A 36 -7.11 1.15 -12.40
C THR A 36 -6.55 2.46 -11.85
N ILE A 37 -5.31 2.43 -11.38
CA ILE A 37 -4.65 3.58 -10.78
C ILE A 37 -3.42 3.92 -11.61
N HIS A 38 -3.14 5.21 -11.74
CA HIS A 38 -2.08 5.74 -12.59
C HIS A 38 -1.09 6.59 -11.80
N TRP A 39 0.13 6.64 -12.30
CA TRP A 39 1.11 7.64 -11.88
C TRP A 39 1.26 8.67 -13.01
N VAL A 40 1.11 9.95 -12.66
CA VAL A 40 1.27 11.04 -13.61
C VAL A 40 2.19 12.07 -12.99
N ARG A 41 3.23 12.46 -13.71
CA ARG A 41 4.21 13.40 -13.19
C ARG A 41 4.12 14.73 -13.92
N GLN A 42 4.62 15.78 -13.25
CA GLN A 42 4.60 17.14 -13.78
C GLN A 42 5.94 17.79 -13.45
N ALA A 43 6.74 18.05 -14.48
CA ALA A 43 7.98 18.79 -14.28
C ALA A 43 7.67 20.21 -13.86
N PRO A 44 8.58 20.86 -13.13
CA PRO A 44 8.30 22.22 -12.62
C PRO A 44 8.02 23.21 -13.74
N GLY A 45 6.80 23.74 -13.75
CA GLY A 45 6.40 24.68 -14.78
C GLY A 45 6.15 24.10 -16.15
N LYS A 46 5.88 22.80 -16.24
CA LYS A 46 5.65 22.15 -17.53
C LYS A 46 4.37 21.33 -17.46
N GLY A 47 4.06 20.65 -18.55
CA GLY A 47 2.80 19.95 -18.68
C GLY A 47 2.76 18.68 -17.83
N LEU A 48 1.72 17.89 -18.10
CA LEU A 48 1.52 16.61 -17.44
C LEU A 48 2.03 15.49 -18.35
N GLU A 49 2.54 14.43 -17.72
CA GLU A 49 3.06 13.27 -18.43
C GLU A 49 2.65 12.01 -17.69
N TRP A 50 1.95 11.12 -18.38
CA TRP A 50 1.60 9.83 -17.81
C TRP A 50 2.85 8.99 -17.64
N VAL A 51 2.98 8.34 -16.49
CA VAL A 51 4.17 7.55 -16.20
C VAL A 51 3.86 6.07 -16.32
N SER A 52 2.84 5.61 -15.59
CA SER A 52 2.52 4.19 -15.54
C SER A 52 1.11 4.01 -15.01
N GLY A 53 0.55 2.83 -15.28
CA GLY A 53 -0.74 2.45 -14.74
C GLY A 53 -0.85 0.96 -14.52
N ILE A 54 -1.69 0.57 -13.56
CA ILE A 54 -1.97 -0.83 -13.27
C ILE A 54 -3.47 -1.06 -13.27
N THR A 55 -3.90 -2.22 -13.76
CA THR A 55 -5.30 -2.58 -13.66
C THR A 55 -5.61 -3.12 -12.27
N TRP A 56 -6.91 -3.34 -12.02
CA TRP A 56 -7.35 -3.71 -10.68
C TRP A 56 -6.69 -4.99 -10.19
N ASN A 57 -6.44 -5.94 -11.08
CA ASN A 57 -5.88 -7.24 -10.73
C ASN A 57 -4.42 -7.36 -11.13
N SER A 58 -3.77 -6.25 -11.46
CA SER A 58 -2.43 -6.19 -12.06
C SER A 58 -2.35 -7.00 -13.35
N GLY A 59 -3.48 -7.18 -14.06
CA GLY A 59 -3.47 -7.96 -15.28
C GLY A 59 -2.83 -7.23 -16.45
N TYR A 60 -2.84 -5.90 -16.43
CA TYR A 60 -2.18 -5.10 -17.45
C TYR A 60 -1.38 -4.02 -16.76
N ILE A 61 -0.15 -3.82 -17.25
CA ILE A 61 0.76 -2.83 -16.72
C ILE A 61 1.37 -2.10 -17.91
N GLY A 62 1.30 -0.77 -17.89
CA GLY A 62 1.83 0.05 -18.95
C GLY A 62 2.81 1.06 -18.42
N TYR A 63 3.82 1.37 -19.23
CA TYR A 63 4.83 2.35 -18.89
C TYR A 63 5.03 3.28 -20.09
N ALA A 64 5.24 4.56 -19.81
CA ALA A 64 5.73 5.46 -20.85
C ALA A 64 7.12 5.05 -21.29
N ASP A 65 7.42 5.27 -22.56
CA ASP A 65 8.73 4.90 -23.10
C ASP A 65 9.88 5.57 -22.38
N SER A 66 9.65 6.72 -21.74
CA SER A 66 10.73 7.41 -21.06
C SER A 66 11.12 6.73 -19.75
N VAL A 67 10.29 5.85 -19.21
CA VAL A 67 10.54 5.21 -17.92
C VAL A 67 10.52 3.70 -18.01
N LYS A 68 10.33 3.12 -19.19
CA LYS A 68 10.29 1.67 -19.30
C LYS A 68 11.67 1.07 -19.00
N GLY A 69 11.66 -0.06 -18.29
CA GLY A 69 12.90 -0.71 -17.93
C GLY A 69 13.47 -0.20 -16.63
N ARG A 70 13.23 1.08 -16.34
CA ARG A 70 13.73 1.73 -15.13
C ARG A 70 12.69 1.79 -14.01
N PHE A 71 11.42 2.00 -14.34
CA PHE A 71 10.36 2.11 -13.35
C PHE A 71 9.57 0.81 -13.27
N THR A 72 9.13 0.46 -12.07
CA THR A 72 8.28 -0.71 -11.84
C THR A 72 7.10 -0.28 -10.97
N ILE A 73 5.89 -0.49 -11.47
CA ILE A 73 4.68 -0.18 -10.73
C ILE A 73 4.10 -1.47 -10.19
N SER A 74 3.47 -1.39 -9.02
CA SER A 74 2.83 -2.53 -8.40
C SER A 74 1.79 -2.02 -7.43
N ARG A 75 0.88 -2.91 -7.03
CA ARG A 75 -0.18 -2.55 -6.12
C ARG A 75 -0.40 -3.67 -5.11
N ASP A 76 -0.93 -3.29 -3.95
CA ASP A 76 -1.25 -4.22 -2.87
C ASP A 76 -2.68 -3.92 -2.45
N ASN A 77 -3.64 -4.58 -3.11
CA ASN A 77 -5.05 -4.31 -2.82
C ASN A 77 -5.42 -4.71 -1.40
N ALA A 78 -4.61 -5.54 -0.74
CA ALA A 78 -4.88 -5.88 0.66
C ALA A 78 -4.64 -4.69 1.57
N ARG A 79 -3.66 -3.85 1.20
CA ARG A 79 -3.31 -2.64 2.00
C ARG A 79 -3.85 -1.39 1.33
N ASN A 80 -4.57 -1.54 0.22
CA ASN A 80 -5.11 -0.40 -0.52
C ASN A 80 -4.01 0.60 -0.86
N SER A 81 -2.85 0.08 -1.23
CA SER A 81 -1.67 0.89 -1.47
C SER A 81 -1.15 0.67 -2.88
N LEU A 82 -0.61 1.73 -3.46
CA LEU A 82 0.04 1.71 -4.77
C LEU A 82 1.50 2.09 -4.59
N TYR A 83 2.38 1.46 -5.35
CA TYR A 83 3.81 1.67 -5.21
C TYR A 83 4.43 1.91 -6.57
N LEU A 84 5.53 2.67 -6.57
CA LEU A 84 6.29 2.94 -7.79
C LEU A 84 7.77 2.88 -7.44
N GLN A 85 8.46 1.87 -7.97
CA GLN A 85 9.89 1.68 -7.75
C GLN A 85 10.65 2.31 -8.91
N MET A 86 11.38 3.38 -8.63
CA MET A 86 12.12 4.12 -9.64
C MET A 86 13.60 3.78 -9.54
N ASN A 87 14.17 3.26 -10.62
CA ASN A 87 15.58 2.89 -10.66
C ASN A 87 16.29 3.62 -11.78
N SER A 88 17.63 3.69 -11.67
CA SER A 88 18.48 4.42 -12.62
C SER A 88 17.99 5.84 -12.85
N LEU A 89 17.70 6.54 -11.74
CA LEU A 89 17.06 7.84 -11.81
C LEU A 89 17.94 8.86 -12.53
N ARG A 90 17.30 9.70 -13.33
CA ARG A 90 17.98 10.75 -14.08
C ARG A 90 17.40 12.11 -13.68
N ALA A 91 18.15 13.17 -14.04
CA ALA A 91 17.71 14.51 -13.70
C ALA A 91 16.38 14.85 -14.36
N GLU A 92 16.11 14.30 -15.54
CA GLU A 92 14.84 14.54 -16.22
C GLU A 92 13.66 13.93 -15.48
N ASP A 93 13.91 12.97 -14.59
CA ASP A 93 12.84 12.41 -13.77
C ASP A 93 12.38 13.34 -12.66
N THR A 94 13.03 14.49 -12.49
CA THR A 94 12.61 15.46 -11.48
C THR A 94 11.25 16.02 -11.85
N ALA A 95 10.27 15.82 -10.97
CA ALA A 95 8.90 16.23 -11.22
C ALA A 95 8.09 16.05 -9.95
N LEU A 96 6.86 16.55 -9.98
CA LEU A 96 5.87 16.26 -8.96
C LEU A 96 5.04 15.06 -9.41
N TYR A 97 5.02 14.01 -8.60
CA TYR A 97 4.43 12.73 -9.00
C TYR A 97 3.04 12.59 -8.37
N TYR A 98 2.02 12.51 -9.21
CA TYR A 98 0.64 12.40 -8.77
C TYR A 98 0.18 10.95 -8.80
N CYS A 99 -0.61 10.58 -7.80
CA CYS A 99 -1.31 9.30 -7.76
C CYS A 99 -2.75 9.56 -8.20
N VAL A 100 -3.15 8.99 -9.32
CA VAL A 100 -4.39 9.36 -10.01
C VAL A 100 -5.24 8.12 -10.22
N ARG A 101 -6.52 8.20 -9.86
CA ARG A 101 -7.47 7.11 -10.04
C ARG A 101 -8.22 7.29 -11.36
N ASP A 102 -8.30 6.22 -12.15
CA ASP A 102 -9.08 6.25 -13.37
C ASP A 102 -10.55 6.03 -13.05
N ALA A 103 -11.42 6.79 -13.72
CA ALA A 103 -12.85 6.71 -13.44
C ALA A 103 -13.52 5.53 -14.16
N TYR A 104 -12.94 5.03 -15.23
CA TYR A 104 -13.57 3.98 -16.05
C TYR A 104 -13.42 2.63 -15.36
N VAL A 105 -14.54 2.08 -14.91
CA VAL A 105 -14.61 0.76 -14.30
C VAL A 105 -15.29 -0.17 -15.31
N SER A 106 -14.52 -1.10 -15.88
CA SER A 106 -15.10 -2.04 -16.84
C SER A 106 -16.12 -2.94 -16.15
N GLY A 107 -17.18 -3.27 -16.87
CA GLY A 107 -18.22 -4.11 -16.34
C GLY A 107 -19.24 -3.40 -15.46
N SER A 108 -19.11 -2.09 -15.27
CA SER A 108 -20.08 -1.35 -14.48
C SER A 108 -21.32 -1.06 -15.33
N ASP A 109 -22.39 -0.64 -14.65
CA ASP A 109 -23.63 -0.32 -15.35
C ASP A 109 -23.55 1.07 -15.99
N TYR A 110 -23.13 2.08 -15.24
CA TYR A 110 -23.01 3.44 -15.72
C TYR A 110 -21.54 3.82 -15.77
N TYR A 111 -21.03 4.10 -16.96
CA TYR A 111 -19.61 4.36 -17.16
C TYR A 111 -19.27 5.82 -16.91
N TYR A 112 -18.09 6.04 -16.33
CA TYR A 112 -17.45 7.33 -16.24
C TYR A 112 -16.08 7.24 -16.92
N TYR A 113 -15.47 8.39 -17.18
CA TYR A 113 -14.21 8.42 -17.91
C TYR A 113 -13.30 9.48 -17.32
N GLY A 114 -12.06 9.49 -17.81
CA GLY A 114 -11.06 10.46 -17.37
C GLY A 114 -10.37 10.08 -16.08
N LEU A 115 -9.65 11.06 -15.54
CA LEU A 115 -8.89 10.93 -14.30
C LEU A 115 -9.58 11.79 -13.25
N ASP A 116 -10.36 11.15 -12.37
CA ASP A 116 -11.29 11.87 -11.52
C ASP A 116 -10.77 12.13 -10.11
N VAL A 117 -9.81 11.35 -9.61
CA VAL A 117 -9.30 11.53 -8.26
C VAL A 117 -7.79 11.68 -8.32
N TRP A 118 -7.28 12.84 -7.91
CA TRP A 118 -5.86 13.12 -7.89
C TRP A 118 -5.39 13.31 -6.46
N GLY A 119 -4.13 12.95 -6.23
CA GLY A 119 -3.47 13.29 -4.99
C GLY A 119 -2.79 14.64 -5.07
N ARG A 120 -2.32 15.12 -3.92
CA ARG A 120 -1.56 16.36 -3.90
C ARG A 120 -0.19 16.22 -4.53
N GLY A 121 0.33 15.00 -4.62
CA GLY A 121 1.61 14.77 -5.25
C GLY A 121 2.76 14.75 -4.26
N THR A 122 3.83 14.08 -4.66
CA THR A 122 5.06 14.04 -3.88
C THR A 122 6.21 14.45 -4.79
N LEU A 123 7.07 15.32 -4.28
CA LEU A 123 8.12 15.92 -5.09
C LEU A 123 9.37 15.05 -5.09
N VAL A 124 9.93 14.81 -6.27
CA VAL A 124 11.12 13.99 -6.46
C VAL A 124 12.16 14.86 -7.15
N THR A 125 13.26 15.14 -6.46
CA THR A 125 14.37 15.93 -7.01
C THR A 125 15.56 15.01 -7.22
N VAL A 126 16.07 14.97 -8.45
CA VAL A 126 17.23 14.17 -8.81
C VAL A 126 18.39 15.12 -9.10
N SER A 127 19.35 15.18 -8.18
CA SER A 127 20.46 16.12 -8.29
C SER A 127 21.65 15.63 -7.51
N SER A 128 22.84 15.93 -8.02
CA SER A 128 24.10 15.60 -7.37
C SER A 128 24.56 16.68 -6.39
N ALA A 129 23.76 17.72 -6.19
CA ALA A 129 24.18 18.86 -5.38
C ALA A 129 24.01 18.57 -3.90
N SER A 130 24.88 19.19 -3.10
CA SER A 130 24.80 19.10 -1.64
C SER A 130 24.31 20.42 -1.07
N THR A 131 23.78 20.35 0.15
CA THR A 131 23.19 21.52 0.79
C THR A 131 24.22 22.62 0.95
N LYS A 132 23.94 23.79 0.35
CA LYS A 132 24.80 24.95 0.44
C LYS A 132 23.95 26.17 0.78
N GLY A 133 24.41 26.97 1.73
CA GLY A 133 23.75 28.19 2.10
C GLY A 133 23.82 29.24 1.01
N PRO A 134 22.91 30.21 1.05
CA PRO A 134 22.86 31.23 -0.01
C PRO A 134 23.92 32.30 0.18
N SER A 135 24.47 32.75 -0.93
CA SER A 135 25.40 33.88 -0.98
C SER A 135 24.59 35.11 -1.37
N VAL A 136 24.39 36.02 -0.42
CA VAL A 136 23.51 37.17 -0.59
C VAL A 136 24.36 38.38 -0.98
N PHE A 137 24.16 38.87 -2.20
CA PHE A 137 24.85 40.04 -2.74
C PHE A 137 23.88 41.20 -2.90
N PRO A 138 24.38 42.45 -2.87
CA PRO A 138 23.47 43.60 -2.94
C PRO A 138 23.27 44.16 -4.34
N LEU A 139 22.06 44.64 -4.63
CA LEU A 139 21.75 45.32 -5.89
C LEU A 139 21.58 46.80 -5.57
N ALA A 140 22.58 47.60 -5.95
CA ALA A 140 22.63 49.01 -5.51
C ALA A 140 21.59 49.93 -6.14
N PRO A 141 20.88 50.74 -5.34
CA PRO A 141 19.94 51.71 -5.88
C PRO A 141 20.74 52.88 -6.46
N SER A 142 21.34 52.67 -7.64
CA SER A 142 22.17 53.71 -8.28
C SER A 142 21.34 54.99 -8.46
N SER A 143 21.89 56.13 -8.07
CA SER A 143 21.15 57.42 -8.18
C SER A 143 21.30 57.99 -9.59
N LYS A 144 20.75 57.30 -10.59
CA LYS A 144 20.79 57.80 -11.98
C LYS A 144 19.87 56.95 -12.85
N THR A 146 16.88 57.91 -11.87
CA THR A 146 15.74 58.70 -12.41
C THR A 146 14.46 57.87 -12.32
N SER A 147 13.92 57.46 -13.47
CA SER A 147 12.67 56.65 -13.51
C SER A 147 11.54 57.40 -12.79
N GLY A 148 11.31 58.66 -13.14
CA GLY A 148 10.18 59.43 -12.56
C GLY A 148 10.17 59.41 -11.05
N GLY A 149 11.32 59.56 -10.40
CA GLY A 149 11.37 59.64 -8.94
C GLY A 149 11.23 58.28 -8.29
N THR A 150 11.20 57.21 -9.11
CA THR A 150 11.11 55.84 -8.56
C THR A 150 12.49 55.20 -8.61
N ALA A 151 12.95 54.65 -7.49
CA ALA A 151 14.27 53.99 -7.44
C ALA A 151 14.09 52.49 -7.27
N ALA A 152 15.04 51.71 -7.79
CA ALA A 152 14.94 50.24 -7.69
C ALA A 152 16.14 49.68 -6.93
N LEU A 153 15.89 48.79 -5.98
CA LEU A 153 16.97 48.16 -5.22
C LEU A 153 16.58 46.73 -4.88
N GLY A 154 17.59 45.91 -4.62
CA GLY A 154 17.32 44.53 -4.26
C GLY A 154 18.58 43.84 -3.77
N CYS A 155 18.47 42.52 -3.65
CA CYS A 155 19.61 41.69 -3.29
C CYS A 155 19.54 40.39 -4.08
N LEU A 156 20.71 39.94 -4.54
CA LEU A 156 20.84 38.74 -5.36
C LEU A 156 21.17 37.56 -4.46
N VAL A 157 20.36 36.51 -4.54
CA VAL A 157 20.56 35.29 -3.75
C VAL A 157 21.10 34.23 -4.70
N LYS A 158 22.40 33.98 -4.65
CA LYS A 158 23.08 33.12 -5.61
C LYS A 158 23.68 31.90 -4.91
N ASP A 159 23.76 30.80 -5.67
CA ASP A 159 24.45 29.57 -5.26
C ASP A 159 23.89 29.03 -3.94
N TYR A 160 22.70 28.44 -4.05
CA TYR A 160 22.07 27.80 -2.90
C TYR A 160 21.39 26.52 -3.36
N PHE A 161 21.19 25.61 -2.40
CA PHE A 161 20.57 24.31 -2.65
C PHE A 161 20.22 23.65 -1.32
N PRO A 162 19.03 23.05 -1.20
CA PRO A 162 17.96 23.00 -2.19
C PRO A 162 16.93 24.08 -1.97
N GLU A 163 15.86 24.12 -2.77
CA GLU A 163 14.78 25.04 -2.52
C GLU A 163 14.08 24.69 -1.22
N PRO A 164 13.37 25.66 -0.60
CA PRO A 164 13.19 27.05 -1.00
C PRO A 164 14.04 28.05 -0.23
N VAL A 165 13.84 29.33 -0.52
CA VAL A 165 14.47 30.44 0.20
C VAL A 165 13.42 31.52 0.39
N THR A 166 13.25 31.97 1.65
CA THR A 166 12.28 33.00 1.97
C THR A 166 13.00 34.35 2.08
N VAL A 167 12.49 35.34 1.36
CA VAL A 167 13.07 36.68 1.35
C VAL A 167 12.05 37.66 1.92
N SER A 168 12.49 38.49 2.85
CA SER A 168 11.67 39.54 3.43
C SER A 168 12.45 40.85 3.39
N TRP A 169 11.72 41.96 3.50
CA TRP A 169 12.30 43.29 3.42
C TRP A 169 12.01 44.05 4.70
N ASN A 170 13.07 44.45 5.40
CA ASN A 170 12.96 45.17 6.67
C ASN A 170 12.11 44.39 7.66
N SER A 171 12.29 43.07 7.69
CA SER A 171 11.58 42.17 8.60
C SER A 171 10.07 42.29 8.43
N GLY A 172 9.62 42.07 7.20
CA GLY A 172 8.20 42.11 6.89
C GLY A 172 7.59 43.49 6.85
N ALA A 173 8.39 44.55 6.95
CA ALA A 173 7.84 45.90 6.94
C ALA A 173 7.51 46.34 5.52
N LEU A 174 8.48 46.26 4.61
CA LEU A 174 8.31 46.68 3.24
C LEU A 174 7.69 45.53 2.43
N THR A 175 6.50 45.78 1.86
CA THR A 175 5.80 44.76 1.10
C THR A 175 5.41 45.25 -0.29
N SER A 176 4.83 46.45 -0.36
CA SER A 176 4.38 46.98 -1.64
C SER A 176 5.59 47.30 -2.52
N GLY A 177 5.51 46.91 -3.80
CA GLY A 177 6.57 47.13 -4.74
C GLY A 177 7.60 46.02 -4.84
N VAL A 178 7.48 44.97 -4.02
CA VAL A 178 8.47 43.91 -3.95
C VAL A 178 8.13 42.83 -4.98
N HIS A 179 9.16 42.34 -5.67
CA HIS A 179 9.01 41.25 -6.63
C HIS A 179 10.14 40.25 -6.40
N THR A 180 9.84 39.15 -5.71
CA THR A 180 10.78 38.06 -5.53
C THR A 180 10.63 37.11 -6.71
N PHE A 181 11.65 37.06 -7.57
CA PHE A 181 11.56 36.29 -8.80
C PHE A 181 11.70 34.80 -8.54
N PRO A 182 11.10 33.97 -9.39
CA PRO A 182 11.29 32.52 -9.26
C PRO A 182 12.75 32.13 -9.43
N ALA A 183 13.19 31.15 -8.65
CA ALA A 183 14.57 30.69 -8.71
C ALA A 183 14.84 29.99 -10.04
N VAL A 184 16.03 30.24 -10.59
CA VAL A 184 16.49 29.58 -11.80
C VAL A 184 17.61 28.62 -11.43
N LEU A 185 17.68 27.48 -12.11
CA LEU A 185 18.70 26.48 -11.86
C LEU A 185 19.89 26.76 -12.76
N GLN A 186 21.01 27.14 -12.15
CA GLN A 186 22.24 27.40 -12.89
C GLN A 186 22.86 26.10 -13.38
N SER A 187 23.83 26.23 -14.28
CA SER A 187 24.53 25.07 -14.81
C SER A 187 25.34 24.34 -13.75
N SER A 188 25.65 25.00 -12.64
CA SER A 188 26.38 24.39 -11.54
C SER A 188 25.48 23.57 -10.63
N GLY A 189 24.24 23.34 -11.01
CA GLY A 189 23.30 22.62 -10.16
C GLY A 189 22.78 23.40 -8.97
N LEU A 190 23.18 24.65 -8.81
CA LEU A 190 22.72 25.48 -7.71
C LEU A 190 21.62 26.42 -8.17
N TYR A 191 20.75 26.79 -7.24
CA TYR A 191 19.66 27.70 -7.52
C TYR A 191 20.06 29.14 -7.26
N SER A 192 19.38 30.06 -7.94
CA SER A 192 19.69 31.48 -7.83
C SER A 192 18.43 32.28 -8.12
N LEU A 193 18.03 33.12 -7.18
CA LEU A 193 16.92 34.04 -7.39
C LEU A 193 17.39 35.46 -7.06
N SER A 194 16.48 36.41 -7.22
CA SER A 194 16.72 37.78 -6.81
C SER A 194 15.40 38.39 -6.38
N SER A 195 15.48 39.32 -5.43
CA SER A 195 14.31 40.03 -4.94
C SER A 195 14.56 41.53 -5.09
N VAL A 196 13.61 42.23 -5.70
CA VAL A 196 13.74 43.65 -5.96
C VAL A 196 12.54 44.39 -5.38
N VAL A 197 12.70 45.69 -5.19
CA VAL A 197 11.63 46.55 -4.71
C VAL A 197 11.85 47.94 -5.28
N THR A 198 10.75 48.61 -5.64
CA THR A 198 10.79 49.98 -6.13
C THR A 198 10.45 50.92 -4.99
N VAL A 199 11.25 51.98 -4.85
CA VAL A 199 11.11 52.91 -3.72
C VAL A 199 11.22 54.34 -4.25
N PRO A 200 10.68 55.30 -3.49
CA PRO A 200 10.89 56.70 -3.84
C PRO A 200 12.38 57.05 -3.80
N SER A 201 12.82 57.78 -4.84
CA SER A 201 14.24 58.13 -4.94
C SER A 201 14.70 59.01 -3.78
N SER A 202 13.80 59.79 -3.20
CA SER A 202 14.17 60.65 -2.08
C SER A 202 14.46 59.84 -0.83
N SER A 203 13.88 58.64 -0.70
CA SER A 203 14.10 57.80 0.46
C SER A 203 15.48 57.14 0.48
N LEU A 204 16.21 57.21 -0.64
CA LEU A 204 17.54 56.60 -0.69
C LEU A 204 18.49 57.20 0.33
N GLY A 205 18.37 58.51 0.58
CA GLY A 205 19.26 59.17 1.51
C GLY A 205 18.89 59.00 2.97
N THR A 206 17.67 58.57 3.26
CA THR A 206 17.21 58.46 4.64
C THR A 206 16.82 57.04 5.02
N GLN A 207 15.97 56.39 4.23
CA GLN A 207 15.42 55.10 4.62
C GLN A 207 16.48 53.99 4.48
N THR A 208 16.45 53.05 5.43
CA THR A 208 17.31 51.88 5.41
C THR A 208 16.51 50.68 4.90
N TYR A 209 17.08 49.96 3.92
CA TYR A 209 16.42 48.80 3.34
C TYR A 209 17.26 47.57 3.61
N ILE A 210 16.62 46.52 4.15
CA ILE A 210 17.29 45.31 4.60
C ILE A 210 16.66 44.10 3.93
N CYS A 211 17.50 43.23 3.39
CA CYS A 211 17.06 41.92 2.90
C CYS A 211 17.05 40.93 4.06
N ASN A 212 16.06 40.02 4.04
CA ASN A 212 15.92 39.00 5.08
C ASN A 212 15.87 37.63 4.40
N VAL A 213 17.03 37.16 3.95
CA VAL A 213 17.14 35.85 3.32
C VAL A 213 17.23 34.78 4.40
N ASN A 214 16.43 33.73 4.25
CA ASN A 214 16.37 32.65 5.24
C ASN A 214 16.29 31.33 4.49
N HIS A 215 17.33 30.51 4.63
CA HIS A 215 17.42 29.20 3.98
C HIS A 215 17.47 28.14 5.10
N LYS A 216 16.31 27.56 5.40
CA LYS A 216 16.18 26.64 6.52
C LYS A 216 16.90 25.31 6.30
N PRO A 217 16.83 24.69 5.11
CA PRO A 217 17.63 23.47 4.89
C PRO A 217 19.11 23.65 5.14
N SER A 218 19.64 24.87 5.07
CA SER A 218 21.02 25.14 5.40
C SER A 218 21.19 25.83 6.74
N ASN A 219 20.10 26.16 7.42
CA ASN A 219 20.12 26.90 8.69
C ASN A 219 20.89 28.21 8.54
N THR A 220 20.57 28.94 7.47
CA THR A 220 21.22 30.21 7.15
C THR A 220 20.21 31.32 7.23
N LYS A 221 20.47 32.30 8.10
CA LYS A 221 19.65 33.50 8.25
C LYS A 221 20.56 34.69 8.03
N VAL A 222 20.47 35.30 6.85
CA VAL A 222 21.34 36.40 6.44
C VAL A 222 20.50 37.66 6.28
N ASP A 223 20.96 38.75 6.87
CA ASP A 223 20.39 40.07 6.67
C ASP A 223 21.42 40.94 5.97
N LYS A 224 21.01 41.62 4.90
CA LYS A 224 21.91 42.42 4.09
C LYS A 224 21.36 43.83 3.95
N LYS A 225 22.22 44.82 4.15
CA LYS A 225 21.83 46.22 4.02
C LYS A 225 22.13 46.70 2.61
N VAL A 226 21.13 47.28 1.96
CA VAL A 226 21.26 47.78 0.59
C VAL A 226 21.52 49.28 0.68
N GLU A 227 22.65 49.72 0.10
CA GLU A 227 23.05 51.11 0.12
C GLU A 227 23.64 51.49 -1.22
N PRO A 228 23.35 52.71 -1.72
CA PRO A 228 23.91 53.21 -2.97
C PRO A 228 25.41 53.45 -2.88
N THR B 2 4.30 3.11 -33.60
CA THR B 2 4.40 3.60 -32.23
C THR B 2 3.05 3.47 -31.50
N GLY B 3 1.97 3.87 -32.17
CA GLY B 3 0.65 3.83 -31.60
C GLY B 3 0.34 4.92 -30.59
N GLU B 4 1.32 5.75 -30.23
CA GLU B 4 1.10 6.83 -29.28
C GLU B 4 0.37 7.99 -29.95
N ILE B 5 -0.61 8.55 -29.25
CA ILE B 5 -1.42 9.64 -29.77
C ILE B 5 -0.98 10.93 -29.10
N VAL B 6 -0.53 11.88 -29.90
CA VAL B 6 -0.04 13.16 -29.40
C VAL B 6 -1.17 14.17 -29.37
N MET B 7 -1.32 14.86 -28.23
CA MET B 7 -2.29 15.93 -28.06
C MET B 7 -1.62 17.27 -28.30
N THR B 8 -2.25 18.12 -29.10
CA THR B 8 -1.73 19.44 -29.42
C THR B 8 -2.71 20.50 -28.92
N SER B 9 -2.31 21.27 -27.92
CA SER B 9 -3.13 22.34 -27.38
C SER B 9 -2.88 23.63 -28.15
N SER B 10 -3.93 24.47 -28.22
CA SER B 10 -3.80 25.77 -28.86
C SER B 10 -4.94 26.65 -28.39
N PRO B 11 -4.72 27.95 -28.17
CA PRO B 11 -3.44 28.66 -28.23
C PRO B 11 -2.58 28.34 -27.01
N ALA B 12 -1.27 28.58 -27.06
CA ALA B 12 -0.42 28.27 -25.91
C ALA B 12 -0.81 29.13 -24.71
N THR B 13 -1.08 30.42 -24.94
CA THR B 13 -1.57 31.32 -23.90
C THR B 13 -2.74 32.12 -24.45
N LEU B 14 -3.59 32.58 -23.55
CA LEU B 14 -4.75 33.36 -23.93
C LEU B 14 -5.04 34.40 -22.86
N SER B 15 -5.35 35.62 -23.28
CA SER B 15 -5.66 36.71 -22.37
C SER B 15 -7.10 37.15 -22.60
N VAL B 16 -7.89 37.19 -21.53
CA VAL B 16 -9.31 37.51 -21.61
C VAL B 16 -9.72 38.26 -20.34
N SER B 17 -10.81 39.03 -20.45
CA SER B 17 -11.41 39.78 -19.35
C SER B 17 -12.62 39.03 -18.81
N PRO B 18 -12.94 39.20 -17.53
CA PRO B 18 -14.13 38.56 -16.98
C PRO B 18 -15.37 38.97 -17.76
N GLY B 19 -16.20 37.98 -18.07
CA GLY B 19 -17.38 38.17 -18.89
C GLY B 19 -17.22 37.74 -20.33
N GLU B 20 -15.99 37.60 -20.82
CA GLU B 20 -15.76 37.22 -22.20
C GLU B 20 -16.02 35.72 -22.40
N ARG B 21 -16.19 35.35 -23.67
CA ARG B 21 -16.36 33.96 -24.07
C ARG B 21 -15.00 33.40 -24.47
N VAL B 22 -14.64 32.26 -23.88
CA VAL B 22 -13.32 31.64 -24.06
C VAL B 22 -13.48 30.33 -24.79
N THR B 23 -12.62 30.11 -25.79
CA THR B 23 -12.60 28.87 -26.56
C THR B 23 -11.18 28.35 -26.64
N LEU B 24 -10.97 27.11 -26.20
CA LEU B 24 -9.66 26.47 -26.21
C LEU B 24 -9.72 25.25 -27.11
N PHE B 25 -8.63 25.00 -27.84
CA PHE B 25 -8.60 23.98 -28.87
C PHE B 25 -7.62 22.88 -28.52
N CYS B 26 -7.98 21.65 -28.87
CA CYS B 26 -7.12 20.48 -28.72
C CYS B 26 -7.19 19.67 -30.01
N ARG B 27 -6.04 19.23 -30.51
CA ARG B 27 -5.96 18.45 -31.74
C ARG B 27 -5.25 17.14 -31.46
N ALA B 28 -5.80 16.05 -31.99
CA ALA B 28 -5.24 14.72 -31.83
C ALA B 28 -4.49 14.32 -33.09
N SER B 29 -3.39 13.57 -32.89
CA SER B 29 -2.61 13.10 -34.03
C SER B 29 -3.33 12.00 -34.80
N GLN B 30 -4.14 11.19 -34.12
CA GLN B 30 -5.00 10.18 -34.74
C GLN B 30 -6.40 10.34 -34.17
N SER B 31 -7.34 9.57 -34.70
CA SER B 31 -8.69 9.63 -34.19
C SER B 31 -8.76 9.10 -32.76
N VAL B 32 -9.46 9.84 -31.91
CA VAL B 32 -9.74 9.42 -30.54
C VAL B 32 -11.23 9.31 -30.25
N ILE B 33 -12.09 9.46 -31.28
CA ILE B 33 -13.54 9.50 -31.13
C ILE B 33 -13.90 10.56 -30.08
N SER B 34 -14.61 10.16 -29.02
CA SER B 34 -15.02 11.06 -27.97
C SER B 34 -14.34 10.72 -26.65
N ASN B 35 -13.19 10.04 -26.71
CA ASN B 35 -12.43 9.67 -25.53
C ASN B 35 -11.43 10.78 -25.17
N LEU B 36 -11.97 11.97 -24.92
CA LEU B 36 -11.18 13.14 -24.60
C LEU B 36 -11.69 13.77 -23.31
N ALA B 37 -10.78 14.18 -22.44
CA ALA B 37 -11.15 14.81 -21.18
C ALA B 37 -10.49 16.20 -21.10
N TRP B 38 -11.06 17.05 -20.24
CA TRP B 38 -10.55 18.39 -20.00
C TRP B 38 -10.32 18.59 -18.51
N TYR B 39 -9.18 19.20 -18.18
CA TYR B 39 -8.79 19.43 -16.79
C TYR B 39 -8.47 20.90 -16.57
N GLN B 40 -8.70 21.35 -15.33
CA GLN B 40 -8.34 22.69 -14.90
C GLN B 40 -7.32 22.58 -13.78
N GLN B 41 -6.22 23.35 -13.88
CA GLN B 41 -5.18 23.34 -12.86
C GLN B 41 -4.87 24.78 -12.47
N LYS B 42 -5.18 25.13 -11.22
CA LYS B 42 -4.75 26.40 -10.68
C LYS B 42 -3.31 26.27 -10.16
N SER B 43 -2.70 27.42 -9.88
CA SER B 43 -1.30 27.43 -9.46
C SER B 43 -1.12 26.68 -8.16
N GLY B 44 -0.25 25.66 -8.18
CA GLY B 44 0.06 24.92 -6.97
C GLY B 44 -1.03 23.98 -6.51
N GLN B 45 -1.89 23.52 -7.41
CA GLN B 45 -2.99 22.64 -7.06
C GLN B 45 -3.06 21.49 -8.05
N ALA B 46 -3.65 20.39 -7.61
CA ALA B 46 -3.81 19.24 -8.46
C ALA B 46 -4.85 19.52 -9.55
N PRO B 47 -4.70 18.90 -10.72
CA PRO B 47 -5.70 19.10 -11.78
C PRO B 47 -7.08 18.63 -11.33
N ARG B 48 -8.09 19.35 -11.81
CA ARG B 48 -9.49 19.06 -11.51
C ARG B 48 -10.20 18.68 -12.81
N LEU B 49 -10.84 17.52 -12.82
CA LEU B 49 -11.55 17.05 -14.00
C LEU B 49 -12.79 17.91 -14.24
N LEU B 50 -12.90 18.46 -15.44
CA LEU B 50 -14.04 19.29 -15.83
C LEU B 50 -15.05 18.52 -16.67
N ILE B 51 -14.56 17.85 -17.71
CA ILE B 51 -15.41 17.22 -18.73
C ILE B 51 -14.73 15.93 -19.17
N TYR B 52 -15.40 14.79 -19.00
CA TYR B 52 -14.77 13.50 -19.21
C TYR B 52 -15.11 12.87 -20.55
N GLY B 53 -16.39 12.69 -20.87
CA GLY B 53 -16.75 12.49 -22.24
C GLY B 53 -16.46 13.75 -23.03
N ALA B 54 -16.35 13.62 -24.35
CA ALA B 54 -15.97 14.78 -25.16
C ALA B 54 -16.86 15.99 -24.88
N SER B 55 -18.06 15.78 -24.36
CA SER B 55 -18.99 16.85 -24.05
C SER B 55 -19.68 16.68 -22.70
N THR B 56 -19.32 15.66 -21.90
CA THR B 56 -20.06 15.35 -20.69
C THR B 56 -19.41 16.06 -19.51
N ARG B 57 -20.14 16.99 -18.91
CA ARG B 57 -19.63 17.74 -17.78
C ARG B 57 -19.57 16.87 -16.53
N ALA B 58 -18.46 16.96 -15.81
CA ALA B 58 -18.33 16.24 -14.55
C ALA B 58 -19.32 16.81 -13.53
N THR B 59 -19.65 15.99 -12.54
CA THR B 59 -20.59 16.41 -11.52
C THR B 59 -19.96 17.49 -10.63
N GLY B 60 -20.68 18.58 -10.45
CA GLY B 60 -20.19 19.73 -9.71
C GLY B 60 -19.58 20.81 -10.57
N ILE B 61 -19.33 20.54 -11.84
CA ILE B 61 -18.70 21.53 -12.72
C ILE B 61 -19.76 22.53 -13.17
N PRO B 62 -19.50 23.84 -13.06
CA PRO B 62 -20.49 24.84 -13.47
C PRO B 62 -20.85 24.71 -14.95
N SER B 63 -22.07 25.15 -15.26
CA SER B 63 -22.62 25.00 -16.60
C SER B 63 -21.96 25.88 -17.65
N ARG B 64 -21.21 26.92 -17.23
CA ARG B 64 -20.53 27.76 -18.19
C ARG B 64 -19.44 27.01 -18.96
N PHE B 65 -18.96 25.89 -18.43
CA PHE B 65 -17.99 25.06 -19.12
C PHE B 65 -18.70 24.06 -20.03
N SER B 66 -18.28 24.01 -21.29
CA SER B 66 -18.83 23.04 -22.23
C SER B 66 -17.75 22.59 -23.20
N GLY B 67 -17.78 21.30 -23.55
CA GLY B 67 -16.82 20.73 -24.47
C GLY B 67 -17.47 20.19 -25.73
N SER B 68 -16.70 20.09 -26.81
CA SER B 68 -17.25 19.70 -28.10
C SER B 68 -16.16 19.03 -28.94
N GLY B 69 -16.60 18.39 -30.00
CA GLY B 69 -15.69 17.77 -30.95
C GLY B 69 -15.75 16.26 -30.90
N SER B 70 -15.21 15.64 -31.95
CA SER B 70 -15.11 14.19 -32.04
C SER B 70 -14.16 13.85 -33.17
N GLY B 71 -13.22 12.95 -32.93
CA GLY B 71 -12.21 12.61 -33.91
C GLY B 71 -10.84 13.14 -33.53
N THR B 72 -10.39 14.19 -34.21
CA THR B 72 -9.09 14.80 -33.92
C THR B 72 -9.18 16.29 -33.66
N GLU B 73 -10.38 16.86 -33.54
CA GLU B 73 -10.55 18.30 -33.33
C GLU B 73 -11.53 18.51 -32.19
N PHE B 74 -11.09 19.21 -31.15
CA PHE B 74 -11.89 19.38 -29.94
C PHE B 74 -11.79 20.82 -29.45
N THR B 75 -12.82 21.25 -28.72
CA THR B 75 -12.89 22.60 -28.18
C THR B 75 -13.46 22.55 -26.77
N LEU B 76 -12.97 23.46 -25.94
CA LEU B 76 -13.53 23.72 -24.62
C LEU B 76 -13.99 25.17 -24.57
N THR B 77 -15.25 25.39 -24.24
CA THR B 77 -15.85 26.71 -24.23
C THR B 77 -16.20 27.13 -22.80
N ILE B 78 -15.77 28.33 -22.42
CA ILE B 78 -16.27 29.00 -21.23
C ILE B 78 -17.19 30.12 -21.71
N SER B 79 -18.50 29.93 -21.53
CA SER B 79 -19.47 30.85 -22.09
C SER B 79 -19.25 32.27 -21.57
N SER B 80 -19.16 32.44 -20.25
CA SER B 80 -18.91 33.73 -19.63
C SER B 80 -17.85 33.52 -18.56
N LEU B 81 -16.60 33.84 -18.90
CA LEU B 81 -15.49 33.59 -17.98
C LEU B 81 -15.64 34.44 -16.73
N GLN B 82 -15.21 33.88 -15.60
CA GLN B 82 -15.22 34.56 -14.32
C GLN B 82 -13.81 34.58 -13.74
N SER B 83 -13.65 35.25 -12.60
CA SER B 83 -12.32 35.44 -12.04
C SER B 83 -11.68 34.13 -11.63
N GLU B 84 -12.47 33.20 -11.09
CA GLU B 84 -11.92 31.92 -10.66
C GLU B 84 -11.60 30.99 -11.81
N ASP B 85 -11.86 31.38 -13.06
CA ASP B 85 -11.58 30.55 -14.22
C ASP B 85 -10.21 30.80 -14.82
N PHE B 86 -9.42 31.71 -14.25
CA PHE B 86 -8.05 31.94 -14.73
C PHE B 86 -7.17 30.81 -14.23
N ALA B 87 -6.74 29.95 -15.15
CA ALA B 87 -5.94 28.78 -14.80
C ALA B 87 -5.30 28.24 -16.07
N VAL B 88 -4.76 27.02 -15.98
CA VAL B 88 -4.26 26.28 -17.13
C VAL B 88 -5.24 25.15 -17.42
N TYR B 89 -5.52 24.92 -18.70
CA TYR B 89 -6.49 23.92 -19.13
C TYR B 89 -5.79 22.88 -19.98
N PHE B 90 -5.92 21.61 -19.60
CA PHE B 90 -5.28 20.49 -20.29
C PHE B 90 -6.34 19.60 -20.92
N CYS B 91 -6.06 19.13 -22.13
CA CYS B 91 -6.83 18.04 -22.72
C CYS B 91 -6.08 16.73 -22.55
N GLN B 92 -6.85 15.64 -22.49
CA GLN B 92 -6.26 14.32 -22.30
C GLN B 92 -7.11 13.29 -23.03
N GLN B 93 -6.49 12.54 -23.93
CA GLN B 93 -7.13 11.42 -24.57
C GLN B 93 -6.94 10.16 -23.73
N TYR B 94 -7.92 9.27 -23.82
CA TYR B 94 -7.88 7.97 -23.16
C TYR B 94 -8.38 6.90 -24.11
N ASN B 95 -8.11 7.07 -25.39
CA ASN B 95 -8.49 6.07 -26.39
C ASN B 95 -7.67 4.79 -26.20
N ASN B 96 -6.36 4.93 -26.03
CA ASN B 96 -5.49 3.80 -25.78
C ASN B 96 -4.25 4.29 -25.04
N TRP B 97 -3.69 3.41 -24.21
CA TRP B 97 -2.45 3.72 -23.55
C TRP B 97 -1.32 3.77 -24.56
N PRO B 98 -0.31 4.64 -24.36
CA PRO B 98 -0.12 5.56 -23.21
C PRO B 98 -1.12 6.71 -23.16
N LEU B 99 -1.64 7.02 -21.97
CA LEU B 99 -2.43 8.24 -21.82
C LEU B 99 -1.56 9.45 -22.09
N THR B 100 -2.09 10.41 -22.84
CA THR B 100 -1.32 11.56 -23.25
C THR B 100 -2.11 12.83 -23.02
N PHE B 101 -1.40 13.90 -22.66
CA PHE B 101 -1.98 15.20 -22.44
C PHE B 101 -1.48 16.18 -23.48
N GLY B 102 -2.23 17.26 -23.66
CA GLY B 102 -1.73 18.38 -24.43
C GLY B 102 -0.78 19.24 -23.62
N GLY B 103 -0.08 20.13 -24.33
CA GLY B 103 0.82 21.06 -23.66
C GLY B 103 0.10 21.94 -22.65
N GLY B 104 -1.14 22.29 -22.93
CA GLY B 104 -1.91 23.12 -22.03
C GLY B 104 -2.07 24.53 -22.55
N THR B 105 -3.20 25.16 -22.19
CA THR B 105 -3.46 26.56 -22.54
C THR B 105 -3.62 27.34 -21.24
N GLN B 106 -2.78 28.35 -21.06
CA GLN B 106 -2.85 29.23 -19.90
C GLN B 106 -3.72 30.42 -20.23
N VAL B 107 -4.81 30.59 -19.50
CA VAL B 107 -5.71 31.73 -19.68
C VAL B 107 -5.33 32.79 -18.65
N ASN B 108 -5.05 33.99 -19.14
CA ASN B 108 -4.55 35.08 -18.30
C ASN B 108 -5.54 36.23 -18.30
N VAL B 109 -5.26 37.18 -17.42
CA VAL B 109 -6.10 38.37 -17.27
C VAL B 109 -5.72 39.38 -18.34
N GLN B 110 -6.72 39.83 -19.10
CA GLN B 110 -6.49 40.84 -20.12
C GLN B 110 -6.25 42.20 -19.47
N ARG B 111 -5.35 42.97 -20.05
CA ARG B 111 -4.94 44.25 -19.49
C ARG B 111 -4.51 45.17 -20.62
N THR B 112 -4.45 46.46 -20.32
CA THR B 112 -3.90 47.42 -21.26
C THR B 112 -2.39 47.31 -21.30
N VAL B 113 -1.80 47.69 -22.44
CA VAL B 113 -0.35 47.65 -22.58
C VAL B 113 0.31 48.60 -21.59
N ALA B 114 1.41 48.14 -20.99
CA ALA B 114 2.18 48.94 -20.04
C ALA B 114 3.66 48.75 -20.32
N ALA B 115 4.34 49.84 -20.65
CA ALA B 115 5.77 49.77 -20.92
C ALA B 115 6.53 49.45 -19.64
N PRO B 116 7.61 48.68 -19.73
CA PRO B 116 8.41 48.39 -18.53
C PRO B 116 9.33 49.55 -18.15
N SER B 117 9.56 49.69 -16.86
CA SER B 117 10.62 50.52 -16.35
C SER B 117 11.88 49.65 -16.23
N VAL B 118 12.96 50.10 -16.86
CA VAL B 118 14.17 49.30 -17.01
C VAL B 118 15.24 49.83 -16.05
N PHE B 119 15.85 48.91 -15.30
CA PHE B 119 16.94 49.23 -14.38
C PHE B 119 18.06 48.22 -14.58
N ILE B 120 19.30 48.68 -14.44
CA ILE B 120 20.47 47.83 -14.55
C ILE B 120 21.29 47.96 -13.26
N PHE B 121 21.72 46.83 -12.71
CA PHE B 121 22.45 46.81 -11.45
C PHE B 121 23.84 46.25 -11.69
N PRO B 122 24.91 47.03 -11.47
CA PRO B 122 26.27 46.53 -11.69
C PRO B 122 26.66 45.50 -10.64
N PRO B 123 27.71 44.72 -10.89
CA PRO B 123 28.15 43.72 -9.91
C PRO B 123 28.73 44.34 -8.65
N SER B 124 28.75 43.53 -7.59
CA SER B 124 29.29 43.96 -6.29
C SER B 124 29.71 42.70 -5.52
N ASP B 125 30.98 42.34 -5.66
CA ASP B 125 31.54 41.19 -4.93
C ASP B 125 32.26 41.67 -3.67
N SER B 130 33.50 35.83 -3.52
CA SER B 130 33.94 37.10 -4.05
C SER B 130 34.89 36.87 -5.21
N GLY B 131 34.86 35.64 -5.77
CA GLY B 131 35.68 35.35 -6.91
C GLY B 131 35.15 35.96 -8.19
N THR B 132 33.85 36.23 -8.25
CA THR B 132 33.21 36.89 -9.38
C THR B 132 31.80 37.27 -8.96
N ALA B 133 31.11 37.99 -9.84
CA ALA B 133 29.75 38.42 -9.59
C ALA B 133 29.02 38.56 -10.92
N SER B 134 27.77 38.99 -10.86
CA SER B 134 26.87 38.95 -12.00
C SER B 134 26.17 40.30 -12.18
N VAL B 135 25.70 40.54 -13.41
CA VAL B 135 25.01 41.76 -13.78
C VAL B 135 23.53 41.47 -13.96
N VAL B 136 22.68 42.34 -13.40
CA VAL B 136 21.24 42.14 -13.34
C VAL B 136 20.54 43.25 -14.10
N CYS B 137 19.57 42.88 -14.93
CA CYS B 137 18.71 43.83 -15.62
C CYS B 137 17.26 43.52 -15.26
N LEU B 138 16.52 44.56 -14.89
CA LEU B 138 15.17 44.41 -14.35
C LEU B 138 14.16 45.15 -15.20
N LEU B 139 13.11 44.44 -15.62
CA LEU B 139 11.95 45.02 -16.28
C LEU B 139 10.77 44.90 -15.33
N ASN B 140 10.24 46.04 -14.87
CA ASN B 140 9.29 46.06 -13.78
C ASN B 140 7.91 46.50 -14.27
N ASN B 141 6.90 45.69 -13.98
CA ASN B 141 5.49 46.03 -14.19
C ASN B 141 5.20 46.38 -15.65
N PHE B 142 5.27 45.37 -16.50
CA PHE B 142 4.97 45.53 -17.91
C PHE B 142 3.90 44.54 -18.34
N TYR B 143 3.28 44.82 -19.49
CA TYR B 143 2.27 43.94 -20.07
C TYR B 143 2.18 44.23 -21.56
N PRO B 144 2.09 43.20 -22.41
CA PRO B 144 2.04 41.76 -22.11
C PRO B 144 3.40 41.15 -21.74
N ARG B 145 3.46 39.84 -21.50
CA ARG B 145 4.69 39.18 -21.00
C ARG B 145 5.83 39.20 -22.02
N GLU B 146 5.52 39.12 -23.31
CA GLU B 146 6.56 39.02 -24.33
C GLU B 146 7.49 40.23 -24.29
N ALA B 147 8.79 39.96 -24.19
CA ALA B 147 9.80 41.01 -24.08
C ALA B 147 11.16 40.42 -24.41
N LYS B 148 11.95 41.15 -25.20
CA LYS B 148 13.26 40.71 -25.64
C LYS B 148 14.34 41.48 -24.88
N VAL B 149 15.25 40.75 -24.23
CA VAL B 149 16.34 41.33 -23.47
C VAL B 149 17.66 40.82 -24.05
N GLN B 150 18.49 41.74 -24.53
CA GLN B 150 19.77 41.42 -25.14
C GLN B 150 20.88 42.11 -24.36
N TRP B 151 21.93 41.36 -24.04
CA TRP B 151 23.10 41.91 -23.39
C TRP B 151 24.16 42.27 -24.41
N LYS B 152 24.79 43.43 -24.22
CA LYS B 152 25.85 43.89 -25.11
C LYS B 152 26.96 44.51 -24.26
N VAL B 153 28.11 43.85 -24.20
CA VAL B 153 29.30 44.41 -23.56
C VAL B 153 30.26 44.83 -24.67
N ASP B 154 30.77 46.06 -24.57
CA ASP B 154 31.60 46.67 -25.60
C ASP B 154 31.00 46.47 -27.00
N ASN B 155 29.69 46.70 -27.11
CA ASN B 155 28.96 46.62 -28.38
C ASN B 155 29.07 45.24 -29.02
N ALA B 156 29.05 44.20 -28.18
CA ALA B 156 29.11 42.82 -28.64
C ALA B 156 27.96 42.04 -28.02
N LEU B 157 27.10 41.48 -28.87
CA LEU B 157 25.97 40.70 -28.39
C LEU B 157 26.45 39.46 -27.66
N GLN B 158 26.01 39.31 -26.41
CA GLN B 158 26.32 38.13 -25.63
C GLN B 158 25.40 36.98 -26.03
N SER B 159 25.74 35.78 -25.54
CA SER B 159 24.99 34.58 -25.87
C SER B 159 25.36 33.48 -24.90
N GLY B 160 24.35 32.80 -24.35
CA GLY B 160 24.58 31.63 -23.51
C GLY B 160 25.05 31.92 -22.10
N ASN B 161 25.33 33.17 -21.75
CA ASN B 161 25.83 33.52 -20.43
C ASN B 161 24.79 34.27 -19.59
N SER B 162 23.53 34.22 -19.97
CA SER B 162 22.47 34.92 -19.26
C SER B 162 21.30 33.99 -19.01
N GLN B 163 20.55 34.32 -17.95
CA GLN B 163 19.34 33.59 -17.59
C GLN B 163 18.25 34.57 -17.19
N GLU B 164 17.04 34.32 -17.66
CA GLU B 164 15.89 35.16 -17.38
C GLU B 164 14.97 34.49 -16.37
N SER B 165 14.16 35.31 -15.71
CA SER B 165 13.17 34.83 -14.76
C SER B 165 12.00 35.80 -14.76
N VAL B 166 10.79 35.28 -14.86
CA VAL B 166 9.59 36.09 -15.02
C VAL B 166 8.64 35.78 -13.86
N THR B 167 8.11 36.84 -13.24
CA THR B 167 7.13 36.66 -12.19
C THR B 167 5.79 36.25 -12.79
N GLU B 168 4.92 35.71 -11.94
CA GLU B 168 3.56 35.46 -12.36
C GLU B 168 2.80 36.77 -12.47
N GLN B 169 1.68 36.72 -13.19
CA GLN B 169 0.83 37.89 -13.34
C GLN B 169 0.39 38.40 -11.97
N ASP B 170 0.63 39.68 -11.72
CA ASP B 170 0.37 40.25 -10.41
C ASP B 170 -1.13 40.30 -10.14
N SER B 171 -1.49 40.10 -8.86
CA SER B 171 -2.89 40.07 -8.47
C SER B 171 -3.53 41.46 -8.48
N LYS B 172 -2.72 42.52 -8.40
CA LYS B 172 -3.24 43.89 -8.36
C LYS B 172 -3.45 44.47 -9.75
N ASP B 173 -2.37 44.62 -10.51
CA ASP B 173 -2.40 45.30 -11.80
C ASP B 173 -2.23 44.37 -13.00
N SER B 174 -2.13 43.06 -12.78
CA SER B 174 -2.03 42.08 -13.86
C SER B 174 -0.79 42.28 -14.71
N THR B 175 0.28 42.84 -14.14
CA THR B 175 1.51 43.09 -14.86
C THR B 175 2.54 42.00 -14.55
N TYR B 176 3.59 41.98 -15.37
CA TYR B 176 4.69 41.04 -15.22
C TYR B 176 5.98 41.80 -14.90
N SER B 177 6.92 41.09 -14.28
CA SER B 177 8.26 41.60 -14.02
C SER B 177 9.27 40.53 -14.44
N LEU B 178 10.36 40.98 -15.06
CA LEU B 178 11.39 40.10 -15.58
C LEU B 178 12.75 40.52 -15.07
N SER B 179 13.59 39.55 -14.73
CA SER B 179 14.96 39.80 -14.31
C SER B 179 15.89 38.93 -15.15
N SER B 180 16.88 39.55 -15.78
CA SER B 180 17.87 38.85 -16.59
C SER B 180 19.23 39.02 -15.94
N THR B 181 19.87 37.91 -15.59
CA THR B 181 21.17 37.94 -14.93
C THR B 181 22.25 37.51 -15.92
N LEU B 182 23.24 38.37 -16.10
CA LEU B 182 24.43 38.07 -16.90
C LEU B 182 25.57 37.70 -15.96
N THR B 183 26.15 36.53 -16.14
CA THR B 183 27.19 36.02 -15.26
C THR B 183 28.49 35.87 -16.03
N LEU B 184 29.56 36.44 -15.48
CA LEU B 184 30.90 36.33 -16.05
C LEU B 184 31.89 36.05 -14.93
N SER B 185 33.11 35.69 -15.33
CA SER B 185 34.21 35.62 -14.38
C SER B 185 34.72 37.03 -14.10
N LYS B 186 35.33 37.20 -12.92
CA LYS B 186 35.91 38.50 -12.60
C LYS B 186 37.01 38.88 -13.59
N ALA B 187 37.66 37.88 -14.19
CA ALA B 187 38.67 38.16 -15.21
C ALA B 187 38.02 38.70 -16.48
N ASP B 188 36.97 38.04 -16.97
CA ASP B 188 36.30 38.49 -18.19
C ASP B 188 35.54 39.79 -17.95
N TYR B 189 35.02 39.99 -16.75
CA TYR B 189 34.30 41.23 -16.45
C TYR B 189 35.22 42.45 -16.51
N GLU B 190 36.49 42.27 -16.17
CA GLU B 190 37.44 43.37 -16.18
C GLU B 190 38.11 43.58 -17.54
N LYS B 191 37.81 42.73 -18.52
CA LYS B 191 38.31 42.92 -19.88
C LYS B 191 37.45 43.86 -20.71
N HIS B 192 36.36 44.37 -20.16
CA HIS B 192 35.44 45.22 -20.90
C HIS B 192 34.98 46.37 -20.01
N LYS B 193 34.56 47.46 -20.66
CA LYS B 193 34.23 48.70 -19.96
C LYS B 193 32.74 48.94 -19.82
N VAL B 194 31.98 48.81 -20.90
CA VAL B 194 30.56 49.19 -20.93
C VAL B 194 29.71 47.93 -20.98
N TYR B 195 28.72 47.86 -20.10
CA TYR B 195 27.80 46.73 -20.02
C TYR B 195 26.38 47.26 -20.19
N ALA B 196 25.73 46.87 -21.29
CA ALA B 196 24.45 47.43 -21.70
C ALA B 196 23.37 46.37 -21.74
N CYS B 197 22.18 46.74 -21.25
CA CYS B 197 20.97 45.92 -21.33
C CYS B 197 20.04 46.55 -22.35
N GLU B 198 19.77 45.85 -23.45
CA GLU B 198 18.91 46.34 -24.51
C GLU B 198 17.56 45.64 -24.41
N VAL B 199 16.49 46.44 -24.34
CA VAL B 199 15.16 45.94 -24.02
C VAL B 199 14.21 46.34 -25.15
N THR B 200 13.46 45.37 -25.66
CA THR B 200 12.44 45.60 -26.66
C THR B 200 11.09 45.12 -26.14
N HIS B 201 10.06 45.94 -26.35
CA HIS B 201 8.72 45.66 -25.87
C HIS B 201 7.74 46.54 -26.63
N GLN B 202 6.57 46.00 -26.95
CA GLN B 202 5.62 46.74 -27.79
C GLN B 202 5.10 48.00 -27.11
N GLY B 203 5.16 48.07 -25.78
CA GLY B 203 4.79 49.29 -25.08
C GLY B 203 5.81 50.40 -25.16
N LEU B 204 7.00 50.12 -25.70
CA LEU B 204 8.06 51.12 -25.87
C LEU B 204 8.06 51.60 -27.31
N SER B 205 8.13 52.92 -27.48
CA SER B 205 8.16 53.49 -28.82
C SER B 205 9.46 53.19 -29.56
N SER B 206 10.53 52.86 -28.82
CA SER B 206 11.80 52.47 -29.42
C SER B 206 12.56 51.65 -28.39
N PRO B 207 13.46 50.76 -28.83
CA PRO B 207 14.22 49.95 -27.88
C PRO B 207 14.95 50.81 -26.86
N VAL B 208 14.93 50.35 -25.61
CA VAL B 208 15.53 51.04 -24.49
C VAL B 208 16.88 50.39 -24.18
N THR B 209 17.91 51.21 -23.99
CA THR B 209 19.25 50.75 -23.65
C THR B 209 19.67 51.38 -22.34
N LYS B 210 19.85 50.55 -21.31
CA LYS B 210 20.40 50.98 -20.04
C LYS B 210 21.78 50.36 -19.88
N SER B 211 22.78 51.19 -19.61
CA SER B 211 24.16 50.73 -19.56
C SER B 211 24.89 51.43 -18.42
N PHE B 212 26.08 50.91 -18.10
CA PHE B 212 26.94 51.50 -17.08
C PHE B 212 28.38 51.25 -17.45
N ASN B 213 29.27 52.06 -16.87
CA ASN B 213 30.71 51.87 -17.00
C ASN B 213 31.21 51.11 -15.78
N ARG B 214 32.05 50.10 -16.03
CA ARG B 214 32.60 49.29 -14.93
C ARG B 214 33.35 50.18 -13.95
N GLY B 215 32.90 50.16 -12.70
CA GLY B 215 33.48 51.00 -11.67
C GLY B 215 32.54 52.12 -11.24
N GLU B 216 31.24 51.87 -11.33
CA GLU B 216 30.21 52.84 -10.98
C GLU B 216 30.36 54.13 -11.77
N GLU C 4 -27.80 -13.51 29.96
CA GLU C 4 -26.41 -13.81 29.63
C GLU C 4 -26.30 -15.08 28.79
N VAL C 5 -26.19 -14.91 27.48
CA VAL C 5 -26.06 -16.03 26.56
C VAL C 5 -24.60 -16.47 26.54
N GLN C 6 -24.34 -17.71 26.92
CA GLN C 6 -22.97 -18.20 27.01
C GLN C 6 -22.96 -19.72 26.91
N LEU C 7 -21.82 -20.25 26.47
CA LEU C 7 -21.56 -21.68 26.43
C LEU C 7 -20.28 -21.96 27.21
N VAL C 8 -20.35 -22.91 28.13
CA VAL C 8 -19.22 -23.25 28.99
C VAL C 8 -18.85 -24.71 28.76
N GLU C 9 -17.55 -24.97 28.65
CA GLU C 9 -17.02 -26.31 28.42
C GLU C 9 -16.39 -26.86 29.68
N SER C 10 -16.24 -28.19 29.73
CA SER C 10 -15.62 -28.87 30.84
C SER C 10 -15.24 -30.28 30.41
N GLY C 11 -14.22 -30.83 31.07
CA GLY C 11 -13.83 -32.21 30.86
C GLY C 11 -12.50 -32.42 30.17
N GLY C 12 -11.77 -31.36 29.86
CA GLY C 12 -10.50 -31.51 29.17
C GLY C 12 -9.33 -31.73 30.11
N GLY C 13 -8.27 -32.29 29.56
CA GLY C 13 -7.07 -32.53 30.34
C GLY C 13 -6.10 -33.42 29.59
N LEU C 14 -5.22 -34.07 30.35
CA LEU C 14 -4.21 -34.96 29.79
C LEU C 14 -4.77 -36.37 29.67
N VAL C 15 -4.61 -36.97 28.50
CA VAL C 15 -5.13 -38.31 28.21
C VAL C 15 -4.11 -39.04 27.35
N GLN C 16 -3.78 -40.28 27.73
CA GLN C 16 -2.85 -41.07 26.94
C GLN C 16 -3.46 -41.39 25.58
N PRO C 17 -2.62 -41.67 24.58
CA PRO C 17 -3.14 -42.07 23.27
C PRO C 17 -3.96 -43.35 23.37
N ARG C 18 -4.90 -43.49 22.43
CA ARG C 18 -5.80 -44.64 22.31
C ARG C 18 -6.87 -44.66 23.41
N ARG C 19 -6.66 -43.89 24.47
CA ARG C 19 -7.65 -43.80 25.55
C ARG C 19 -8.87 -43.01 25.07
N SER C 20 -9.78 -42.71 26.00
CA SER C 20 -11.00 -41.99 25.68
C SER C 20 -11.24 -40.89 26.70
N LEU C 21 -11.90 -39.83 26.26
CA LEU C 21 -12.25 -38.71 27.11
C LEU C 21 -13.63 -38.20 26.73
N ARG C 22 -14.31 -37.58 27.69
CA ARG C 22 -15.69 -37.13 27.51
C ARG C 22 -15.77 -35.65 27.88
N LEU C 23 -16.16 -34.83 26.91
CA LEU C 23 -16.31 -33.40 27.11
C LEU C 23 -17.77 -33.05 27.34
N SER C 24 -18.00 -32.00 28.12
CA SER C 24 -19.34 -31.55 28.47
C SER C 24 -19.47 -30.05 28.20
N CYS C 25 -20.63 -29.67 27.67
CA CYS C 25 -20.92 -28.26 27.37
C CYS C 25 -22.24 -27.88 28.01
N ALA C 26 -22.23 -26.80 28.79
CA ALA C 26 -23.41 -26.32 29.50
C ALA C 26 -23.84 -24.98 28.92
N ALA C 27 -25.13 -24.86 28.63
CA ALA C 27 -25.72 -23.65 28.08
C ALA C 27 -26.28 -22.76 29.18
N SER C 28 -26.59 -21.52 28.82
CA SER C 28 -27.11 -20.55 29.78
C SER C 28 -27.72 -19.37 29.03
N GLY C 29 -28.99 -19.08 29.30
CA GLY C 29 -29.61 -17.86 28.83
C GLY C 29 -30.30 -17.91 27.50
N PHE C 30 -30.65 -19.10 27.00
CA PHE C 30 -31.35 -19.21 25.73
C PHE C 30 -32.01 -20.57 25.64
N THR C 31 -32.87 -20.71 24.63
CA THR C 31 -33.61 -21.96 24.40
C THR C 31 -32.71 -22.95 23.67
N PHE C 32 -32.32 -24.02 24.37
CA PHE C 32 -31.34 -24.94 23.81
C PHE C 32 -31.94 -25.80 22.72
N ASP C 33 -33.25 -26.06 22.75
CA ASP C 33 -33.90 -26.93 21.79
C ASP C 33 -34.18 -26.26 20.44
N ASP C 34 -33.72 -25.02 20.26
CA ASP C 34 -33.94 -24.30 19.00
C ASP C 34 -32.65 -24.02 18.23
N TYR C 35 -31.49 -24.36 18.79
CA TYR C 35 -30.21 -24.07 18.17
C TYR C 35 -29.44 -25.34 17.87
N THR C 36 -28.85 -25.40 16.68
CA THR C 36 -27.89 -26.44 16.36
C THR C 36 -26.53 -26.05 16.91
N ILE C 37 -25.90 -26.94 17.68
CA ILE C 37 -24.68 -26.65 18.41
C ILE C 37 -23.54 -27.44 17.80
N HIS C 38 -22.36 -26.81 17.73
CA HIS C 38 -21.19 -27.40 17.08
C HIS C 38 -20.04 -27.58 18.08
N TRP C 39 -19.08 -28.41 17.68
CA TRP C 39 -17.79 -28.51 18.33
C TRP C 39 -16.71 -28.10 17.33
N VAL C 40 -15.88 -27.15 17.72
CA VAL C 40 -14.82 -26.64 16.87
C VAL C 40 -13.54 -26.58 17.69
N ARG C 41 -12.49 -27.24 17.20
CA ARG C 41 -11.20 -27.25 17.90
C ARG C 41 -10.19 -26.39 17.16
N GLN C 42 -9.14 -26.01 17.89
CA GLN C 42 -8.09 -25.14 17.35
C GLN C 42 -6.75 -25.68 17.81
N ALA C 43 -5.94 -26.14 16.85
CA ALA C 43 -4.60 -26.59 17.17
C ALA C 43 -3.77 -25.42 17.70
N PRO C 44 -2.79 -25.68 18.57
CA PRO C 44 -2.00 -24.58 19.15
C PRO C 44 -1.28 -23.78 18.07
N GLY C 45 -1.65 -22.52 17.96
CA GLY C 45 -1.06 -21.64 16.96
C GLY C 45 -1.45 -21.97 15.54
N LYS C 46 -2.62 -22.56 15.33
CA LYS C 46 -3.08 -22.93 13.99
C LYS C 46 -4.54 -22.54 13.84
N GLY C 47 -5.12 -22.89 12.70
CA GLY C 47 -6.45 -22.42 12.34
C GLY C 47 -7.56 -23.08 13.14
N LEU C 48 -8.79 -22.88 12.66
CA LEU C 48 -9.99 -23.41 13.29
C LEU C 48 -10.51 -24.59 12.47
N GLU C 49 -10.86 -25.67 13.16
CA GLU C 49 -11.33 -26.89 12.51
C GLU C 49 -12.67 -27.30 13.10
N TRP C 50 -13.68 -27.47 12.24
CA TRP C 50 -14.98 -27.94 12.69
C TRP C 50 -14.90 -29.44 12.99
N VAL C 51 -15.36 -29.83 14.17
CA VAL C 51 -15.28 -31.22 14.62
C VAL C 51 -16.60 -31.94 14.34
N SER C 52 -17.69 -31.43 14.91
CA SER C 52 -18.98 -32.08 14.75
C SER C 52 -20.08 -31.06 15.03
N GLY C 53 -21.32 -31.50 14.82
CA GLY C 53 -22.49 -30.66 15.05
C GLY C 53 -23.78 -31.45 15.08
N ILE C 54 -24.67 -31.10 16.01
CA ILE C 54 -25.95 -31.77 16.18
C ILE C 54 -27.07 -30.78 15.88
N THR C 55 -28.18 -31.31 15.36
CA THR C 55 -29.36 -30.50 15.16
C THR C 55 -30.16 -30.40 16.45
N TRP C 56 -31.25 -29.63 16.42
CA TRP C 56 -32.04 -29.42 17.63
C TRP C 56 -32.68 -30.70 18.13
N ASN C 57 -33.01 -31.62 17.21
CA ASN C 57 -33.63 -32.90 17.57
C ASN C 57 -32.68 -34.07 17.39
N SER C 58 -31.39 -33.81 17.18
CA SER C 58 -30.40 -34.84 16.86
C SER C 58 -30.76 -35.60 15.59
N GLY C 59 -31.60 -35.02 14.73
CA GLY C 59 -31.99 -35.69 13.51
C GLY C 59 -30.84 -35.83 12.53
N TYR C 60 -30.03 -34.78 12.39
CA TYR C 60 -28.83 -34.81 11.57
C TYR C 60 -27.62 -34.65 12.46
N ILE C 61 -26.63 -35.52 12.29
CA ILE C 61 -25.38 -35.49 13.05
C ILE C 61 -24.24 -35.61 12.06
N GLY C 62 -23.40 -34.58 11.98
CA GLY C 62 -22.28 -34.56 11.07
C GLY C 62 -20.96 -34.61 11.81
N TYR C 63 -19.96 -35.21 11.17
CA TYR C 63 -18.62 -35.30 11.73
C TYR C 63 -17.59 -34.94 10.66
N ALA C 64 -16.50 -34.33 11.10
CA ALA C 64 -15.36 -34.15 10.22
C ALA C 64 -14.73 -35.50 9.92
N ASP C 65 -14.15 -35.62 8.71
CA ASP C 65 -13.56 -36.89 8.29
C ASP C 65 -12.42 -37.31 9.21
N SER C 66 -11.74 -36.35 9.85
CA SER C 66 -10.62 -36.67 10.71
C SER C 66 -11.04 -37.20 12.08
N VAL C 67 -12.34 -37.12 12.42
CA VAL C 67 -12.83 -37.58 13.71
C VAL C 67 -13.98 -38.56 13.58
N LYS C 68 -14.36 -38.97 12.37
CA LYS C 68 -15.48 -39.87 12.20
C LYS C 68 -15.14 -41.26 12.72
N GLY C 69 -16.12 -41.92 13.33
CA GLY C 69 -15.92 -43.25 13.86
C GLY C 69 -15.34 -43.23 15.26
N ARG C 70 -14.44 -42.27 15.53
CA ARG C 70 -13.81 -42.17 16.84
C ARG C 70 -14.55 -41.23 17.78
N PHE C 71 -15.22 -40.21 17.24
CA PHE C 71 -15.95 -39.24 18.06
C PHE C 71 -17.44 -39.52 17.97
N THR C 72 -18.13 -39.35 19.10
CA THR C 72 -19.58 -39.48 19.16
C THR C 72 -20.12 -38.27 19.91
N ILE C 73 -20.98 -37.50 19.25
CA ILE C 73 -21.56 -36.29 19.83
C ILE C 73 -23.01 -36.60 20.24
N SER C 74 -23.43 -36.00 21.35
CA SER C 74 -24.78 -36.22 21.86
C SER C 74 -25.23 -34.99 22.63
N ARG C 75 -26.52 -34.70 22.55
CA ARG C 75 -27.10 -33.55 23.24
C ARG C 75 -28.27 -34.00 24.10
N ASP C 76 -28.46 -33.28 25.20
CA ASP C 76 -29.54 -33.55 26.16
C ASP C 76 -30.26 -32.23 26.38
N ASN C 77 -31.31 -31.98 25.58
CA ASN C 77 -32.02 -30.71 25.66
C ASN C 77 -32.73 -30.52 27.00
N ALA C 78 -33.05 -31.63 27.68
CA ALA C 78 -33.75 -31.54 28.96
C ALA C 78 -32.90 -30.84 30.02
N ARG C 79 -31.60 -31.16 30.06
CA ARG C 79 -30.69 -30.56 31.02
C ARG C 79 -29.77 -29.52 30.37
N ASN C 80 -30.15 -29.00 29.20
CA ASN C 80 -29.37 -28.03 28.42
C ASN C 80 -27.88 -28.33 28.48
N SER C 81 -27.53 -29.57 28.11
CA SER C 81 -26.15 -30.03 28.15
C SER C 81 -25.78 -30.70 26.84
N LEU C 82 -24.54 -30.46 26.41
CA LEU C 82 -23.98 -31.09 25.22
C LEU C 82 -22.79 -31.94 25.63
N TYR C 83 -22.59 -33.07 24.96
CA TYR C 83 -21.53 -33.99 25.29
C TYR C 83 -20.80 -34.44 24.04
N LEU C 84 -19.51 -34.69 24.19
CA LEU C 84 -18.66 -35.16 23.09
C LEU C 84 -17.75 -36.26 23.62
N GLN C 85 -18.04 -37.50 23.28
CA GLN C 85 -17.22 -38.64 23.66
C GLN C 85 -16.16 -38.85 22.59
N MET C 86 -14.90 -38.84 22.99
CA MET C 86 -13.77 -38.94 22.08
C MET C 86 -13.00 -40.22 22.39
N ASN C 87 -13.02 -41.17 21.46
CA ASN C 87 -12.33 -42.44 21.61
C ASN C 87 -11.17 -42.53 20.62
N SER C 88 -10.26 -43.46 20.89
CA SER C 88 -9.08 -43.68 20.05
C SER C 88 -8.30 -42.38 19.87
N LEU C 89 -8.11 -41.67 20.97
CA LEU C 89 -7.48 -40.35 20.93
C LEU C 89 -6.04 -40.44 20.46
N ARG C 90 -5.69 -39.61 19.48
CA ARG C 90 -4.34 -39.53 18.95
C ARG C 90 -3.71 -38.20 19.33
N ALA C 91 -2.41 -38.08 19.06
CA ALA C 91 -1.70 -36.86 19.39
C ALA C 91 -2.20 -35.67 18.59
N GLU C 92 -2.68 -35.91 17.37
CA GLU C 92 -3.21 -34.83 16.55
C GLU C 92 -4.48 -34.23 17.11
N ASP C 93 -5.18 -34.95 18.00
CA ASP C 93 -6.37 -34.43 18.64
C ASP C 93 -6.07 -33.43 19.75
N THR C 94 -4.80 -33.21 20.07
CA THR C 94 -4.41 -32.26 21.11
C THR C 94 -4.70 -30.84 20.63
N ALA C 95 -5.70 -30.20 21.22
CA ALA C 95 -6.12 -28.86 20.80
C ALA C 95 -7.00 -28.27 21.89
N LEU C 96 -7.47 -27.05 21.64
CA LEU C 96 -8.44 -26.38 22.48
C LEU C 96 -9.81 -26.52 21.83
N TYR C 97 -10.74 -27.15 22.52
CA TYR C 97 -12.04 -27.52 21.95
C TYR C 97 -13.09 -26.50 22.38
N TYR C 98 -13.76 -25.90 21.40
CA TYR C 98 -14.80 -24.90 21.63
C TYR C 98 -16.18 -25.49 21.44
N CYS C 99 -17.11 -25.05 22.29
CA CYS C 99 -18.53 -25.34 22.12
C CYS C 99 -19.19 -24.11 21.52
N VAL C 100 -19.72 -24.26 20.30
CA VAL C 100 -20.16 -23.13 19.49
C VAL C 100 -21.63 -23.30 19.14
N ARG C 101 -22.39 -22.21 19.23
CA ARG C 101 -23.79 -22.18 18.84
C ARG C 101 -23.94 -21.59 17.45
N ASP C 102 -24.76 -22.24 16.62
CA ASP C 102 -25.08 -21.74 15.29
C ASP C 102 -26.22 -20.73 15.38
N ALA C 103 -26.09 -19.63 14.66
CA ALA C 103 -27.09 -18.57 14.69
C ALA C 103 -28.29 -18.85 13.79
N TYR C 104 -28.20 -19.83 12.88
CA TYR C 104 -29.28 -20.10 11.94
C TYR C 104 -30.31 -21.02 12.59
N VAL C 105 -31.56 -20.56 12.64
CA VAL C 105 -32.68 -21.32 13.17
C VAL C 105 -33.69 -21.47 12.05
N SER C 106 -33.81 -22.68 11.52
CA SER C 106 -34.74 -22.93 10.41
C SER C 106 -36.17 -22.78 10.88
N GLY C 107 -36.92 -21.90 10.24
CA GLY C 107 -38.31 -21.65 10.57
C GLY C 107 -38.57 -20.36 11.31
N SER C 108 -37.53 -19.64 11.73
CA SER C 108 -37.72 -18.38 12.41
C SER C 108 -38.12 -17.28 11.41
N ASP C 109 -38.63 -16.18 11.96
CA ASP C 109 -39.06 -15.07 11.10
C ASP C 109 -37.86 -14.33 10.51
N TYR C 110 -36.94 -13.89 11.35
CA TYR C 110 -35.75 -13.17 10.91
C TYR C 110 -34.55 -14.11 11.04
N TYR C 111 -33.82 -14.29 9.94
CA TYR C 111 -32.73 -15.25 9.89
C TYR C 111 -31.41 -14.60 10.30
N TYR C 112 -30.62 -15.36 11.05
CA TYR C 112 -29.22 -15.05 11.34
C TYR C 112 -28.35 -16.19 10.83
N TYR C 113 -27.05 -15.94 10.76
CA TYR C 113 -26.13 -16.93 10.20
C TYR C 113 -24.82 -16.88 10.98
N GLY C 114 -23.92 -17.79 10.63
CA GLY C 114 -22.62 -17.84 11.27
C GLY C 114 -22.67 -18.43 12.66
N LEU C 115 -21.50 -18.42 13.30
CA LEU C 115 -21.32 -18.97 14.64
C LEU C 115 -21.23 -17.79 15.61
N ASP C 116 -22.32 -17.54 16.34
CA ASP C 116 -22.46 -16.32 17.12
C ASP C 116 -22.03 -16.46 18.58
N VAL C 117 -22.15 -17.65 19.16
CA VAL C 117 -21.83 -17.86 20.57
C VAL C 117 -20.66 -18.82 20.67
N TRP C 118 -19.59 -18.39 21.35
CA TRP C 118 -18.39 -19.20 21.51
C TRP C 118 -18.06 -19.31 23.00
N GLY C 119 -17.57 -20.48 23.39
CA GLY C 119 -17.10 -20.66 24.76
C GLY C 119 -15.62 -20.34 24.91
N ARG C 120 -15.16 -20.38 26.16
CA ARG C 120 -13.74 -20.16 26.42
C ARG C 120 -12.88 -21.32 25.96
N GLY C 121 -13.47 -22.48 25.71
CA GLY C 121 -12.74 -23.64 25.24
C GLY C 121 -12.15 -24.46 26.38
N THR C 122 -11.91 -25.73 26.08
CA THR C 122 -11.27 -26.64 27.02
C THR C 122 -10.06 -27.29 26.35
N LEU C 123 -8.97 -27.41 27.09
CA LEU C 123 -7.70 -27.87 26.56
C LEU C 123 -7.60 -29.38 26.71
N VAL C 124 -7.47 -30.08 25.59
CA VAL C 124 -7.28 -31.53 25.56
C VAL C 124 -5.86 -31.80 25.10
N THR C 125 -5.10 -32.55 25.91
CA THR C 125 -3.71 -32.85 25.64
C THR C 125 -3.53 -34.37 25.59
N VAL C 126 -3.11 -34.88 24.44
CA VAL C 126 -2.90 -36.31 24.23
C VAL C 126 -1.39 -36.55 24.18
N SER C 127 -0.85 -37.15 25.22
CA SER C 127 0.60 -37.37 25.32
C SER C 127 0.87 -38.59 26.18
N SER C 128 1.87 -39.36 25.77
CA SER C 128 2.35 -40.51 26.55
C SER C 128 3.40 -40.14 27.58
N ALA C 129 3.57 -38.85 27.86
CA ALA C 129 4.61 -38.39 28.77
C ALA C 129 4.09 -38.35 30.21
N SER C 130 4.99 -38.61 31.14
CA SER C 130 4.69 -38.55 32.56
C SER C 130 5.33 -37.30 33.17
N THR C 131 4.78 -36.87 34.30
CA THR C 131 5.24 -35.65 34.95
C THR C 131 6.72 -35.75 35.31
N LYS C 132 7.50 -34.76 34.86
CA LYS C 132 8.94 -34.75 35.09
C LYS C 132 9.37 -33.34 35.47
N GLY C 133 10.36 -33.25 36.35
CA GLY C 133 10.89 -31.98 36.77
C GLY C 133 11.81 -31.38 35.73
N PRO C 134 11.82 -30.05 35.64
CA PRO C 134 12.61 -29.38 34.61
C PRO C 134 14.10 -29.36 34.94
N SER C 135 14.91 -29.65 33.93
CA SER C 135 16.36 -29.52 34.04
C SER C 135 16.74 -28.12 33.56
N VAL C 136 17.39 -27.35 34.43
CA VAL C 136 17.72 -25.96 34.17
C VAL C 136 19.23 -25.85 34.00
N PHE C 137 19.66 -25.47 32.80
CA PHE C 137 21.07 -25.27 32.49
C PHE C 137 21.32 -23.81 32.11
N PRO C 138 22.48 -23.27 32.46
CA PRO C 138 22.75 -21.86 32.17
C PRO C 138 23.16 -21.61 30.73
N LEU C 139 22.90 -20.38 30.29
CA LEU C 139 23.40 -19.85 29.03
C LEU C 139 24.35 -18.72 29.39
N ALA C 140 25.65 -19.03 29.47
CA ALA C 140 26.64 -18.13 30.05
C ALA C 140 26.99 -17.00 29.07
N PRO C 141 27.04 -15.77 29.54
CA PRO C 141 27.54 -14.66 28.72
C PRO C 141 29.06 -14.63 28.72
N SER C 142 29.60 -13.81 27.82
CA SER C 142 31.04 -13.58 27.78
C SER C 142 31.30 -12.15 27.38
N SER C 143 32.45 -11.61 27.79
CA SER C 143 32.81 -10.24 27.35
C SER C 143 33.07 -10.29 25.84
N LYS C 144 33.37 -11.48 25.32
CA LYS C 144 33.59 -11.66 23.87
C LYS C 144 32.32 -11.32 23.10
N SER C 145 31.16 -11.79 23.58
CA SER C 145 29.90 -11.63 22.81
C SER C 145 29.06 -10.46 23.32
N THR C 146 29.42 -9.24 22.92
CA THR C 146 28.62 -8.05 23.28
C THR C 146 28.14 -7.36 21.99
N SER C 147 26.85 -7.03 21.91
CA SER C 147 26.34 -6.31 20.72
C SER C 147 25.86 -4.91 21.13
N GLY C 149 27.16 -3.16 22.81
CA GLY C 149 27.57 -2.93 24.21
C GLY C 149 26.64 -3.64 25.18
N THR C 150 25.82 -4.56 24.66
CA THR C 150 24.85 -5.29 25.51
C THR C 150 25.20 -6.78 25.49
N ALA C 151 25.25 -7.39 26.67
CA ALA C 151 25.53 -8.85 26.75
C ALA C 151 24.21 -9.61 26.87
N ALA C 152 24.22 -10.89 26.51
CA ALA C 152 23.05 -11.74 26.60
C ALA C 152 23.35 -12.95 27.48
N LEU C 153 22.40 -13.30 28.35
CA LEU C 153 22.53 -14.46 29.21
C LEU C 153 21.14 -15.02 29.49
N GLY C 154 21.11 -16.29 29.85
CA GLY C 154 19.84 -16.92 30.14
C GLY C 154 20.04 -18.30 30.73
N CYS C 155 18.92 -19.04 30.82
CA CYS C 155 18.94 -20.41 31.30
C CYS C 155 17.99 -21.24 30.45
N LEU C 156 18.39 -22.46 30.13
CA LEU C 156 17.62 -23.37 29.30
C LEU C 156 16.83 -24.32 30.19
N VAL C 157 15.51 -24.35 30.01
CA VAL C 157 14.64 -25.30 30.69
C VAL C 157 14.45 -26.48 29.74
N LYS C 158 15.21 -27.56 29.96
CA LYS C 158 15.38 -28.58 28.94
C LYS C 158 14.21 -29.55 28.89
N ASP C 159 14.07 -30.40 29.90
CA ASP C 159 13.11 -31.51 29.87
C ASP C 159 12.11 -31.35 31.01
N TYR C 160 10.86 -31.08 30.65
CA TYR C 160 9.80 -31.03 31.66
C TYR C 160 8.48 -31.39 31.00
N PHE C 161 7.52 -31.81 31.83
CA PHE C 161 6.19 -32.16 31.37
C PHE C 161 5.28 -32.21 32.59
N PRO C 162 4.04 -31.69 32.50
CA PRO C 162 3.46 -30.99 31.36
C PRO C 162 3.62 -29.47 31.47
N GLU C 163 3.03 -28.72 30.56
CA GLU C 163 3.04 -27.27 30.66
C GLU C 163 2.17 -26.82 31.82
N PRO C 164 2.39 -25.60 32.36
CA PRO C 164 3.41 -24.62 31.99
C PRO C 164 4.58 -24.56 32.97
N VAL C 165 5.51 -23.64 32.73
CA VAL C 165 6.63 -23.37 33.62
C VAL C 165 6.80 -21.87 33.74
N THR C 166 6.84 -21.36 34.96
CA THR C 166 7.00 -19.94 35.21
C THR C 166 8.47 -19.61 35.43
N VAL C 167 8.97 -18.62 34.70
CA VAL C 167 10.38 -18.21 34.78
C VAL C 167 10.42 -16.76 35.23
N SER C 168 11.22 -16.49 36.26
CA SER C 168 11.43 -15.15 36.76
C SER C 168 12.92 -14.90 36.89
N TRP C 169 13.29 -13.63 36.93
CA TRP C 169 14.68 -13.21 37.01
C TRP C 169 14.91 -12.39 38.27
N ASN C 170 15.79 -12.88 39.13
CA ASN C 170 16.11 -12.23 40.41
C ASN C 170 14.87 -12.02 41.26
N SER C 171 14.00 -13.03 41.29
CA SER C 171 12.76 -13.01 42.06
C SER C 171 11.88 -11.83 41.66
N GLY C 172 11.74 -11.64 40.35
CA GLY C 172 10.92 -10.57 39.82
C GLY C 172 11.57 -9.20 39.85
N ALA C 173 12.88 -9.11 40.09
CA ALA C 173 13.55 -7.81 40.11
C ALA C 173 13.90 -7.34 38.71
N LEU C 174 14.48 -8.23 37.90
CA LEU C 174 14.85 -7.90 36.54
C LEU C 174 13.73 -8.27 35.58
N THR C 175 13.27 -7.31 34.80
CA THR C 175 12.17 -7.52 33.87
C THR C 175 12.44 -6.96 32.48
N SER C 176 13.06 -5.79 32.38
CA SER C 176 13.31 -5.19 31.08
C SER C 176 14.39 -5.96 30.32
N GLY C 177 14.12 -6.20 29.04
CA GLY C 177 15.04 -6.94 28.20
C GLY C 177 14.92 -8.45 28.28
N VAL C 178 13.88 -8.96 28.95
CA VAL C 178 13.71 -10.40 29.16
C VAL C 178 12.78 -10.95 28.09
N HIS C 179 13.17 -12.07 27.49
CA HIS C 179 12.36 -12.77 26.50
C HIS C 179 12.31 -14.24 26.89
N THR C 180 11.14 -14.69 27.34
CA THR C 180 10.91 -16.11 27.61
C THR C 180 10.23 -16.71 26.39
N PHE C 181 10.90 -17.62 25.72
CA PHE C 181 10.40 -18.13 24.46
C PHE C 181 9.32 -19.19 24.67
N PRO C 182 8.37 -19.30 23.74
CA PRO C 182 7.36 -20.36 23.85
C PRO C 182 8.01 -21.73 23.86
N ALA C 183 7.42 -22.64 24.64
CA ALA C 183 7.97 -23.98 24.77
C ALA C 183 7.83 -24.75 23.46
N VAL C 184 8.83 -25.56 23.14
CA VAL C 184 8.82 -26.42 21.96
C VAL C 184 8.75 -27.86 22.42
N LEU C 185 8.00 -28.68 21.69
CA LEU C 185 7.82 -30.09 22.02
C LEU C 185 8.90 -30.90 21.31
N GLN C 186 9.80 -31.48 22.10
CA GLN C 186 10.87 -32.28 21.53
C GLN C 186 10.34 -33.62 21.05
N SER C 187 11.16 -34.33 20.27
CA SER C 187 10.77 -35.66 19.78
C SER C 187 10.62 -36.66 20.91
N SER C 188 11.23 -36.40 22.07
CA SER C 188 11.06 -37.24 23.24
C SER C 188 9.74 -37.03 23.95
N GLY C 189 8.87 -36.15 23.43
CA GLY C 189 7.61 -35.85 24.07
C GLY C 189 7.70 -34.88 25.23
N LEU C 190 8.87 -34.30 25.49
CA LEU C 190 9.08 -33.38 26.59
C LEU C 190 9.19 -31.95 26.06
N TYR C 191 8.66 -31.00 26.84
CA TYR C 191 8.69 -29.60 26.45
C TYR C 191 10.02 -28.97 26.81
N SER C 192 10.37 -27.90 26.08
CA SER C 192 11.64 -27.21 26.28
C SER C 192 11.48 -25.74 25.89
N LEU C 193 11.86 -24.85 26.80
CA LEU C 193 11.92 -23.43 26.51
C LEU C 193 13.23 -22.87 27.04
N SER C 194 13.50 -21.62 26.69
CA SER C 194 14.68 -20.92 27.17
C SER C 194 14.31 -19.46 27.41
N SER C 195 14.75 -18.93 28.54
CA SER C 195 14.52 -17.53 28.90
C SER C 195 15.86 -16.80 28.81
N VAL C 196 15.86 -15.66 28.11
CA VAL C 196 17.06 -14.87 27.93
C VAL C 196 16.80 -13.46 28.43
N VAL C 197 17.88 -12.72 28.65
CA VAL C 197 17.80 -11.33 29.07
C VAL C 197 19.08 -10.63 28.65
N THR C 198 18.94 -9.46 28.03
CA THR C 198 20.07 -8.65 27.63
C THR C 198 20.43 -7.68 28.76
N VAL C 199 21.72 -7.60 29.07
CA VAL C 199 22.20 -6.81 30.19
C VAL C 199 23.44 -6.03 29.76
N PRO C 200 23.74 -4.93 30.44
CA PRO C 200 24.97 -4.18 30.13
C PRO C 200 26.20 -5.04 30.35
N SER C 201 27.19 -4.87 29.47
CA SER C 201 28.41 -5.67 29.52
C SER C 201 29.25 -5.37 30.75
N SER C 202 29.12 -4.17 31.33
CA SER C 202 29.90 -3.83 32.52
C SER C 202 29.36 -4.49 33.77
N SER C 203 28.03 -4.69 33.85
CA SER C 203 27.43 -5.30 35.03
C SER C 203 27.74 -6.80 35.14
N LEU C 204 28.38 -7.39 34.12
CA LEU C 204 28.69 -8.81 34.17
C LEU C 204 29.64 -9.15 35.32
N GLY C 205 30.53 -8.23 35.67
CA GLY C 205 31.48 -8.49 36.76
C GLY C 205 30.91 -8.28 38.14
N THR C 206 29.80 -7.55 38.27
CA THR C 206 29.24 -7.22 39.58
C THR C 206 27.84 -7.80 39.77
N GLN C 207 26.87 -7.41 38.94
CA GLN C 207 25.48 -7.79 39.18
C GLN C 207 25.28 -9.29 39.08
N THR C 208 24.44 -9.82 39.97
CA THR C 208 24.09 -11.23 40.00
C THR C 208 22.75 -11.44 39.33
N TYR C 209 22.67 -12.43 38.44
CA TYR C 209 21.43 -12.77 37.73
C TYR C 209 21.03 -14.19 38.08
N ILE C 210 19.76 -14.37 38.44
CA ILE C 210 19.24 -15.64 38.93
C ILE C 210 18.00 -16.00 38.11
N CYS C 211 17.95 -17.26 37.67
CA CYS C 211 16.74 -17.81 37.06
C CYS C 211 15.85 -18.39 38.14
N ASN C 212 14.55 -18.16 38.02
CA ASN C 212 13.56 -18.63 39.00
C ASN C 212 12.56 -19.52 38.27
N VAL C 213 12.99 -20.75 37.98
CA VAL C 213 12.13 -21.71 37.31
C VAL C 213 11.23 -22.37 38.34
N ASN C 214 9.94 -22.49 38.02
CA ASN C 214 8.96 -23.08 38.94
C ASN C 214 8.00 -23.94 38.12
N HIS C 215 8.02 -25.24 38.35
CA HIS C 215 7.15 -26.20 37.69
C HIS C 215 6.24 -26.80 38.75
N LYS C 216 5.02 -26.28 38.84
CA LYS C 216 4.09 -26.67 39.90
C LYS C 216 3.55 -28.10 39.71
N PRO C 217 3.19 -28.53 38.49
CA PRO C 217 2.82 -29.95 38.31
C PRO C 217 3.90 -30.92 38.76
N SER C 218 5.17 -30.48 38.85
CA SER C 218 6.25 -31.32 39.36
C SER C 218 6.68 -30.94 40.77
N ASN C 219 6.11 -29.88 41.34
CA ASN C 219 6.54 -29.35 42.65
C ASN C 219 8.04 -29.09 42.66
N THR C 220 8.54 -28.49 41.60
CA THR C 220 9.95 -28.23 41.41
C THR C 220 10.19 -26.72 41.36
N LYS C 221 10.92 -26.21 42.34
CA LYS C 221 11.29 -24.79 42.40
C LYS C 221 12.81 -24.71 42.35
N VAL C 222 13.35 -24.40 41.18
CA VAL C 222 14.79 -24.38 40.94
C VAL C 222 15.23 -22.94 40.73
N ASP C 223 16.28 -22.54 41.44
CA ASP C 223 16.94 -21.26 41.23
C ASP C 223 18.35 -21.53 40.70
N LYS C 224 18.74 -20.81 39.65
CA LYS C 224 20.00 -21.05 38.97
C LYS C 224 20.74 -19.74 38.76
N LYS C 225 22.04 -19.74 39.03
CA LYS C 225 22.88 -18.57 38.86
C LYS C 225 23.63 -18.66 37.54
N VAL C 226 23.66 -17.56 36.80
CA VAL C 226 24.28 -17.50 35.48
C VAL C 226 25.53 -16.63 35.59
N GLU C 227 26.67 -17.21 35.24
CA GLU C 227 27.96 -16.53 35.31
C GLU C 227 28.78 -16.89 34.08
N PRO C 228 29.67 -15.98 33.63
CA PRO C 228 30.57 -16.26 32.52
C PRO C 228 31.60 -17.34 32.86
N THR D 2 -16.26 -35.57 -2.53
CA THR D 2 -15.94 -35.11 -1.18
C THR D 2 -17.01 -34.15 -0.66
N GLY D 3 -17.45 -33.24 -1.52
CA GLY D 3 -18.45 -32.26 -1.14
C GLY D 3 -18.01 -31.24 -0.13
N GLU D 4 -16.72 -31.17 0.20
CA GLU D 4 -16.20 -30.22 1.16
C GLU D 4 -15.69 -28.99 0.43
N ILE D 5 -16.07 -27.81 0.92
CA ILE D 5 -15.62 -26.54 0.36
C ILE D 5 -14.48 -26.01 1.22
N VAL D 6 -13.36 -25.66 0.58
CA VAL D 6 -12.17 -25.20 1.29
C VAL D 6 -12.08 -23.68 1.21
N MET D 7 -11.78 -23.04 2.34
CA MET D 7 -11.61 -21.60 2.42
C MET D 7 -10.13 -21.25 2.35
N THR D 8 -9.77 -20.33 1.46
CA THR D 8 -8.40 -19.89 1.28
C THR D 8 -8.30 -18.42 1.67
N SER D 9 -7.65 -18.16 2.81
CA SER D 9 -7.42 -16.80 3.26
C SER D 9 -6.22 -16.20 2.54
N SER D 10 -6.21 -14.87 2.42
CA SER D 10 -5.11 -14.15 1.81
C SER D 10 -5.21 -12.67 2.12
N PRO D 11 -4.09 -12.00 2.41
CA PRO D 11 -2.73 -12.54 2.53
C PRO D 11 -2.54 -13.35 3.81
N ALA D 12 -1.45 -14.12 3.92
CA ALA D 12 -1.23 -14.90 5.14
C ALA D 12 -1.03 -13.98 6.35
N THR D 13 -0.14 -13.00 6.22
CA THR D 13 0.06 -11.97 7.22
C THR D 13 0.02 -10.60 6.56
N LEU D 14 -0.25 -9.58 7.36
CA LEU D 14 -0.37 -8.22 6.85
C LEU D 14 0.07 -7.25 7.94
N SER D 15 1.15 -6.51 7.69
CA SER D 15 1.64 -5.51 8.63
C SER D 15 1.15 -4.14 8.20
N VAL D 16 0.41 -3.47 9.09
CA VAL D 16 -0.17 -2.17 8.80
C VAL D 16 -0.05 -1.27 10.03
N SER D 17 -0.18 0.06 9.79
CA SER D 17 -0.17 1.06 10.83
C SER D 17 -1.58 1.53 11.13
N PRO D 18 -1.85 2.00 12.35
CA PRO D 18 -3.18 2.52 12.66
C PRO D 18 -3.57 3.65 11.73
N GLY D 19 -4.87 3.70 11.41
CA GLY D 19 -5.39 4.65 10.46
C GLY D 19 -5.45 4.17 9.03
N GLU D 20 -4.67 3.14 8.69
CA GLU D 20 -4.68 2.61 7.33
C GLU D 20 -5.99 1.90 7.02
N ARG D 21 -6.25 1.76 5.74
CA ARG D 21 -7.39 0.99 5.23
C ARG D 21 -6.91 -0.42 4.91
N VAL D 22 -7.52 -1.42 5.54
CA VAL D 22 -7.10 -2.81 5.43
C VAL D 22 -8.20 -3.61 4.74
N THR D 23 -7.80 -4.45 3.79
CA THR D 23 -8.72 -5.33 3.07
C THR D 23 -8.18 -6.75 3.11
N LEU D 24 -8.96 -7.68 3.65
CA LEU D 24 -8.61 -9.08 3.71
C LEU D 24 -9.45 -9.86 2.71
N PHE D 25 -8.89 -10.93 2.16
CA PHE D 25 -9.53 -11.68 1.09
C PHE D 25 -9.79 -13.12 1.50
N CYS D 26 -10.85 -13.71 0.92
CA CYS D 26 -11.22 -15.09 1.16
C CYS D 26 -11.74 -15.68 -0.14
N ARG D 27 -11.20 -16.85 -0.51
CA ARG D 27 -11.60 -17.53 -1.73
C ARG D 27 -12.20 -18.88 -1.39
N ALA D 28 -13.25 -19.25 -2.11
CA ALA D 28 -13.95 -20.52 -1.92
C ALA D 28 -13.67 -21.45 -3.08
N SER D 29 -13.40 -22.73 -2.76
CA SER D 29 -13.15 -23.69 -3.81
C SER D 29 -14.38 -23.92 -4.68
N GLN D 30 -15.56 -23.84 -4.09
CA GLN D 30 -16.84 -23.96 -4.79
C GLN D 30 -17.69 -22.75 -4.47
N SER D 31 -18.75 -22.55 -5.25
CA SER D 31 -19.66 -21.45 -4.98
C SER D 31 -20.33 -21.62 -3.63
N VAL D 32 -20.58 -20.51 -2.96
CA VAL D 32 -21.16 -20.49 -1.63
C VAL D 32 -22.20 -19.37 -1.59
N ILE D 33 -22.41 -18.73 -2.74
CA ILE D 33 -23.26 -17.56 -2.88
C ILE D 33 -22.84 -16.52 -1.85
N SER D 34 -23.66 -16.31 -0.83
CA SER D 34 -23.38 -15.31 0.20
C SER D 34 -23.30 -15.94 1.58
N ASN D 35 -23.08 -17.25 1.66
CA ASN D 35 -23.05 -17.97 2.92
C ASN D 35 -21.62 -17.96 3.48
N LEU D 36 -21.19 -16.76 3.85
CA LEU D 36 -19.84 -16.56 4.38
C LEU D 36 -19.92 -15.72 5.65
N ALA D 37 -18.98 -15.96 6.57
CA ALA D 37 -18.91 -15.21 7.81
C ALA D 37 -17.45 -14.85 8.11
N TRP D 38 -17.27 -13.74 8.83
CA TRP D 38 -15.95 -13.28 9.24
C TRP D 38 -15.87 -13.21 10.76
N TYR D 39 -14.73 -13.65 11.29
CA TYR D 39 -14.50 -13.69 12.73
C TYR D 39 -13.19 -13.00 13.07
N GLN D 40 -13.14 -12.39 14.26
CA GLN D 40 -11.95 -11.76 14.79
C GLN D 40 -11.54 -12.46 16.07
N GLN D 41 -10.28 -12.88 16.15
CA GLN D 41 -9.77 -13.61 17.30
C GLN D 41 -8.47 -12.96 17.76
N LYS D 42 -8.49 -12.36 18.93
CA LYS D 42 -7.30 -11.80 19.53
C LYS D 42 -6.50 -12.92 20.21
N SER D 43 -5.34 -12.56 20.76
CA SER D 43 -4.45 -13.55 21.35
C SER D 43 -5.06 -14.13 22.62
N GLY D 44 -5.31 -15.44 22.61
CA GLY D 44 -5.79 -16.12 23.80
C GLY D 44 -7.25 -15.86 24.15
N GLN D 45 -8.09 -15.62 23.15
CA GLN D 45 -9.50 -15.38 23.38
C GLN D 45 -10.32 -16.12 22.34
N ALA D 46 -11.61 -16.26 22.62
CA ALA D 46 -12.50 -16.93 21.68
C ALA D 46 -12.76 -16.03 20.47
N PRO D 47 -13.03 -16.63 19.31
CA PRO D 47 -13.35 -15.82 18.14
C PRO D 47 -14.61 -14.99 18.35
N ARG D 48 -14.65 -13.83 17.71
CA ARG D 48 -15.79 -12.90 17.81
C ARG D 48 -16.40 -12.74 16.43
N LEU D 49 -17.69 -13.02 16.31
CA LEU D 49 -18.38 -12.88 15.04
C LEU D 49 -18.44 -11.41 14.63
N LEU D 50 -17.95 -11.11 13.42
CA LEU D 50 -17.97 -9.77 12.87
C LEU D 50 -19.09 -9.56 11.85
N ILE D 51 -19.20 -10.48 10.89
CA ILE D 51 -20.17 -10.39 9.81
C ILE D 51 -20.71 -11.79 9.56
N TYR D 52 -22.03 -11.93 9.46
CA TYR D 52 -22.63 -13.24 9.24
C TYR D 52 -23.18 -13.44 7.83
N GLY D 53 -23.62 -12.38 7.17
CA GLY D 53 -23.88 -12.46 5.74
C GLY D 53 -22.60 -12.27 4.95
N ALA D 54 -22.75 -12.16 3.63
CA ALA D 54 -21.60 -11.75 2.84
C ALA D 54 -21.22 -10.31 3.12
N SER D 55 -22.15 -9.51 3.63
CA SER D 55 -21.89 -8.11 3.92
C SER D 55 -22.70 -7.57 5.10
N THR D 56 -23.45 -8.41 5.80
CA THR D 56 -24.32 -7.96 6.89
C THR D 56 -23.54 -7.99 8.19
N ARG D 57 -23.25 -6.82 8.75
CA ARG D 57 -22.54 -6.75 10.01
C ARG D 57 -23.39 -7.36 11.13
N ALA D 58 -22.73 -8.11 12.01
CA ALA D 58 -23.38 -8.59 13.22
C ALA D 58 -23.61 -7.42 14.18
N THR D 59 -24.69 -7.52 14.95
CA THR D 59 -25.06 -6.46 15.87
C THR D 59 -23.98 -6.26 16.93
N GLY D 60 -23.58 -5.01 17.14
CA GLY D 60 -22.52 -4.67 18.07
C GLY D 60 -21.17 -4.42 17.44
N ILE D 61 -20.99 -4.77 16.18
CA ILE D 61 -19.70 -4.59 15.52
C ILE D 61 -19.59 -3.14 15.04
N PRO D 62 -18.46 -2.48 15.25
CA PRO D 62 -18.29 -1.11 14.75
C PRO D 62 -18.41 -1.05 13.23
N SER D 63 -18.80 0.13 12.74
CA SER D 63 -19.08 0.30 11.32
C SER D 63 -17.83 0.32 10.44
N ARG D 64 -16.64 0.42 11.03
CA ARG D 64 -15.42 0.42 10.23
C ARG D 64 -15.20 -0.92 9.53
N PHE D 65 -15.79 -2.00 10.03
CA PHE D 65 -15.74 -3.29 9.38
C PHE D 65 -16.85 -3.40 8.35
N SER D 66 -16.56 -4.06 7.23
CA SER D 66 -17.55 -4.26 6.18
C SER D 66 -17.11 -5.41 5.28
N GLY D 67 -18.09 -6.15 4.76
CA GLY D 67 -17.83 -7.28 3.91
C GLY D 67 -18.43 -7.09 2.52
N SER D 68 -18.01 -7.97 1.61
CA SER D 68 -18.44 -7.87 0.22
C SER D 68 -18.14 -9.19 -0.48
N GLY D 69 -18.81 -9.40 -1.59
CA GLY D 69 -18.54 -10.54 -2.45
C GLY D 69 -19.68 -11.55 -2.46
N SER D 70 -19.66 -12.40 -3.48
CA SER D 70 -20.57 -13.52 -3.57
C SER D 70 -19.96 -14.56 -4.49
N GLY D 71 -20.30 -15.81 -4.25
CA GLY D 71 -19.81 -16.91 -5.07
C GLY D 71 -18.48 -17.47 -4.54
N THR D 72 -17.38 -17.15 -5.24
CA THR D 72 -16.07 -17.65 -4.87
C THR D 72 -15.18 -16.63 -4.17
N GLU D 73 -15.31 -15.34 -4.49
CA GLU D 73 -14.40 -14.32 -4.01
C GLU D 73 -15.08 -13.41 -3.00
N PHE D 74 -14.44 -13.23 -1.85
CA PHE D 74 -14.98 -12.40 -0.77
C PHE D 74 -13.89 -11.48 -0.23
N THR D 75 -14.34 -10.37 0.35
CA THR D 75 -13.42 -9.40 0.96
C THR D 75 -13.97 -8.95 2.30
N LEU D 76 -13.04 -8.54 3.18
CA LEU D 76 -13.36 -7.88 4.45
C LEU D 76 -12.50 -6.64 4.54
N THR D 77 -13.13 -5.50 4.82
CA THR D 77 -12.44 -4.22 4.81
C THR D 77 -12.57 -3.55 6.18
N ILE D 78 -11.45 -3.05 6.68
CA ILE D 78 -11.42 -2.13 7.82
C ILE D 78 -11.15 -0.74 7.23
N SER D 79 -12.15 0.14 7.31
CA SER D 79 -12.04 1.45 6.67
C SER D 79 -10.86 2.24 7.23
N SER D 80 -10.67 2.18 8.55
CA SER D 80 -9.53 2.85 9.18
C SER D 80 -9.12 2.02 10.39
N LEU D 81 -8.00 1.30 10.25
CA LEU D 81 -7.59 0.37 11.30
C LEU D 81 -7.16 1.12 12.55
N GLN D 82 -7.56 0.60 13.71
CA GLN D 82 -7.18 1.13 15.00
C GLN D 82 -6.43 0.06 15.78
N SER D 83 -5.93 0.44 16.96
CA SER D 83 -5.01 -0.44 17.70
C SER D 83 -5.69 -1.72 18.14
N GLU D 84 -6.98 -1.67 18.47
CA GLU D 84 -7.69 -2.85 18.94
C GLU D 84 -8.04 -3.82 17.81
N ASP D 85 -7.60 -3.56 16.58
CA ASP D 85 -7.93 -4.41 15.44
C ASP D 85 -6.80 -5.37 15.06
N PHE D 86 -5.68 -5.34 15.77
CA PHE D 86 -4.58 -6.27 15.50
C PHE D 86 -4.93 -7.63 16.09
N ALA D 87 -5.23 -8.58 15.22
CA ALA D 87 -5.64 -9.93 15.63
C ALA D 87 -5.59 -10.82 14.38
N VAL D 88 -6.12 -12.03 14.51
CA VAL D 88 -6.26 -12.96 13.38
C VAL D 88 -7.71 -12.93 12.92
N TYR D 89 -7.93 -12.94 11.61
CA TYR D 89 -9.26 -12.88 11.03
C TYR D 89 -9.49 -14.14 10.19
N PHE D 90 -10.58 -14.84 10.48
CA PHE D 90 -10.95 -16.07 9.78
C PHE D 90 -12.25 -15.86 9.02
N CYS D 91 -12.30 -16.40 7.81
CA CYS D 91 -13.55 -16.54 7.07
C CYS D 91 -14.06 -17.96 7.18
N GLN D 92 -15.37 -18.12 7.07
CA GLN D 92 -15.99 -19.43 7.27
C GLN D 92 -17.26 -19.53 6.42
N GLN D 93 -17.40 -20.63 5.69
CA GLN D 93 -18.57 -20.87 4.87
C GLN D 93 -19.56 -21.76 5.61
N TYR D 94 -20.83 -21.62 5.26
CA TYR D 94 -21.88 -22.47 5.81
C TYR D 94 -22.90 -22.84 4.73
N ASN D 95 -22.45 -22.93 3.48
CA ASN D 95 -23.31 -23.42 2.41
C ASN D 95 -23.75 -24.85 2.69
N ASN D 96 -22.82 -25.71 3.05
CA ASN D 96 -23.12 -27.12 3.32
C ASN D 96 -22.08 -27.68 4.27
N TRP D 97 -22.50 -28.58 5.14
CA TRP D 97 -21.56 -29.25 6.02
C TRP D 97 -20.65 -30.16 5.20
N PRO D 98 -19.38 -30.30 5.57
CA PRO D 98 -18.70 -29.76 6.77
C PRO D 98 -18.48 -28.25 6.75
N LEU D 99 -18.67 -27.58 7.88
CA LEU D 99 -18.27 -26.20 8.02
C LEU D 99 -16.76 -26.09 7.95
N THR D 100 -16.25 -25.15 7.16
CA THR D 100 -14.82 -25.01 6.97
C THR D 100 -14.41 -23.56 7.16
N PHE D 101 -13.18 -23.37 7.62
CA PHE D 101 -12.61 -22.06 7.87
C PHE D 101 -11.42 -21.84 6.94
N GLY D 102 -10.94 -20.60 6.91
CA GLY D 102 -9.72 -20.30 6.19
C GLY D 102 -8.49 -20.38 7.09
N GLY D 103 -7.32 -20.38 6.46
CA GLY D 103 -6.09 -20.38 7.22
C GLY D 103 -5.97 -19.19 8.15
N GLY D 104 -6.63 -18.09 7.81
CA GLY D 104 -6.62 -16.91 8.65
C GLY D 104 -5.57 -15.91 8.27
N THR D 105 -5.91 -14.63 8.33
CA THR D 105 -4.98 -13.55 8.08
C THR D 105 -4.62 -12.88 9.40
N GLN D 106 -3.32 -12.74 9.66
CA GLN D 106 -2.82 -12.11 10.88
C GLN D 106 -2.38 -10.69 10.54
N VAL D 107 -3.09 -9.70 11.06
CA VAL D 107 -2.73 -8.31 10.88
C VAL D 107 -1.82 -7.87 12.02
N ASN D 108 -0.62 -7.38 11.67
CA ASN D 108 0.40 -7.04 12.64
C ASN D 108 0.73 -5.55 12.55
N VAL D 109 1.47 -5.09 13.54
CA VAL D 109 1.87 -3.68 13.61
C VAL D 109 3.01 -3.44 12.65
N GLN D 110 2.86 -2.42 11.79
CA GLN D 110 3.95 -2.02 10.91
C GLN D 110 5.07 -1.38 11.73
N ARG D 111 6.30 -1.56 11.26
CA ARG D 111 7.46 -1.06 11.97
C ARG D 111 8.62 -0.95 10.99
N THR D 112 9.61 -0.13 11.35
CA THR D 112 10.83 -0.05 10.57
C THR D 112 11.66 -1.31 10.75
N VAL D 113 12.53 -1.57 9.77
CA VAL D 113 13.38 -2.75 9.82
C VAL D 113 14.38 -2.63 10.97
N ALA D 114 14.62 -3.75 11.65
CA ALA D 114 15.56 -3.79 12.76
C ALA D 114 16.38 -5.06 12.65
N ALA D 115 17.70 -4.91 12.49
CA ALA D 115 18.57 -6.07 12.38
C ALA D 115 18.71 -6.74 13.75
N PRO D 116 18.74 -8.07 13.80
CA PRO D 116 18.82 -8.76 15.08
C PRO D 116 20.23 -8.76 15.66
N SER D 117 20.31 -8.64 16.97
CA SER D 117 21.56 -8.92 17.68
C SER D 117 21.66 -10.43 17.90
N VAL D 118 22.75 -11.03 17.44
CA VAL D 118 22.90 -12.48 17.40
C VAL D 118 23.87 -12.90 18.49
N PHE D 119 23.46 -13.88 19.29
CA PHE D 119 24.29 -14.46 20.33
C PHE D 119 24.23 -15.97 20.25
N ILE D 120 25.32 -16.62 20.63
CA ILE D 120 25.40 -18.09 20.66
C ILE D 120 25.87 -18.51 22.04
N PHE D 121 25.40 -19.67 22.49
CA PHE D 121 25.69 -20.16 23.83
C PHE D 121 26.09 -21.63 23.73
N PRO D 122 27.28 -22.00 24.19
CA PRO D 122 27.68 -23.42 24.20
C PRO D 122 26.88 -24.19 25.24
N PRO D 123 26.84 -25.51 25.16
CA PRO D 123 26.18 -26.28 26.21
C PRO D 123 26.96 -26.22 27.51
N SER D 124 26.24 -26.17 28.62
CA SER D 124 26.87 -26.08 29.93
C SER D 124 27.53 -27.41 30.29
N ASP D 125 28.40 -27.35 31.31
CA ASP D 125 29.07 -28.55 31.78
C ASP D 125 28.08 -29.53 32.43
N GLU D 126 27.04 -29.01 33.08
CA GLU D 126 26.04 -29.89 33.70
C GLU D 126 25.31 -30.73 32.65
N GLN D 127 24.93 -30.11 31.54
CA GLN D 127 24.20 -30.85 30.51
C GLN D 127 25.11 -31.85 29.81
N LEU D 128 26.38 -31.50 29.62
CA LEU D 128 27.32 -32.44 29.00
C LEU D 128 27.50 -33.67 29.87
N LYS D 129 27.50 -33.49 31.20
CA LYS D 129 27.57 -34.65 32.09
C LYS D 129 26.33 -35.54 31.94
N SER D 130 25.20 -34.96 31.57
CA SER D 130 23.98 -35.76 31.38
C SER D 130 24.07 -36.64 30.14
N GLY D 131 24.82 -36.19 29.12
CA GLY D 131 24.95 -36.94 27.88
C GLY D 131 24.44 -36.22 26.65
N THR D 132 23.84 -35.05 26.79
CA THR D 132 23.33 -34.29 25.65
C THR D 132 23.96 -32.91 25.62
N ALA D 133 24.01 -32.32 24.44
CA ALA D 133 24.58 -30.99 24.24
C ALA D 133 23.59 -30.14 23.48
N SER D 134 23.11 -29.07 24.11
CA SER D 134 22.21 -28.11 23.48
C SER D 134 22.96 -26.81 23.26
N VAL D 135 23.19 -26.47 22.00
CA VAL D 135 23.77 -25.20 21.62
C VAL D 135 22.63 -24.27 21.24
N VAL D 136 22.56 -23.11 21.89
CA VAL D 136 21.45 -22.18 21.73
C VAL D 136 21.94 -20.95 21.00
N CYS D 137 21.15 -20.49 20.02
CA CYS D 137 21.43 -19.28 19.26
C CYS D 137 20.24 -18.34 19.39
N LEU D 138 20.52 -17.07 19.66
CA LEU D 138 19.48 -16.09 19.97
C LEU D 138 19.52 -14.94 18.97
N LEU D 139 18.35 -14.61 18.43
CA LEU D 139 18.17 -13.40 17.62
C LEU D 139 17.21 -12.48 18.38
N ASN D 140 17.72 -11.36 18.85
CA ASN D 140 16.98 -10.50 19.76
C ASN D 140 16.49 -9.24 19.05
N ASN D 141 15.20 -8.98 19.18
CA ASN D 141 14.56 -7.72 18.77
C ASN D 141 14.87 -7.38 17.31
N PHE D 142 14.20 -8.11 16.42
CA PHE D 142 14.33 -7.86 14.99
C PHE D 142 12.94 -7.69 14.38
N TYR D 143 12.92 -7.14 13.16
CA TYR D 143 11.70 -6.95 12.41
C TYR D 143 12.09 -6.86 10.93
N PRO D 144 11.34 -7.53 10.04
CA PRO D 144 10.16 -8.35 10.30
C PRO D 144 10.51 -9.76 10.79
N ARG D 145 9.51 -10.64 10.95
CA ARG D 145 9.75 -11.93 11.58
C ARG D 145 10.57 -12.87 10.71
N GLU D 146 10.53 -12.69 9.39
CA GLU D 146 11.24 -13.59 8.48
C GLU D 146 12.74 -13.56 8.73
N ALA D 147 13.30 -14.71 9.10
CA ALA D 147 14.72 -14.84 9.36
C ALA D 147 15.13 -16.29 9.09
N LYS D 148 16.39 -16.46 8.69
CA LYS D 148 16.94 -17.77 8.37
C LYS D 148 18.11 -18.07 9.29
N VAL D 149 18.05 -19.21 9.97
CA VAL D 149 19.09 -19.63 10.90
C VAL D 149 19.60 -20.99 10.47
N GLN D 150 20.89 -21.07 10.15
CA GLN D 150 21.52 -22.31 9.70
C GLN D 150 22.67 -22.67 10.64
N TRP D 151 22.70 -23.93 11.07
CA TRP D 151 23.74 -24.43 11.94
C TRP D 151 24.83 -25.10 11.12
N LYS D 152 26.08 -24.71 11.37
CA LYS D 152 27.23 -25.33 10.72
C LYS D 152 28.23 -25.72 11.79
N VAL D 153 28.58 -27.01 11.85
CA VAL D 153 29.64 -27.51 12.71
C VAL D 153 30.76 -28.03 11.81
N ASP D 154 31.98 -27.58 12.07
CA ASP D 154 33.14 -27.88 11.21
C ASP D 154 32.81 -27.64 9.74
N ASN D 155 32.12 -26.53 9.47
CA ASN D 155 31.68 -26.10 8.13
C ASN D 155 30.71 -27.09 7.49
N ALA D 156 29.99 -27.88 8.27
CA ALA D 156 29.03 -28.83 7.76
C ALA D 156 27.62 -28.38 8.15
N LEU D 157 26.77 -28.15 7.15
CA LEU D 157 25.42 -27.69 7.41
C LEU D 157 24.61 -28.78 8.11
N GLN D 158 24.01 -28.44 9.24
CA GLN D 158 23.17 -29.38 9.97
C GLN D 158 21.76 -29.39 9.37
N SER D 159 21.00 -30.42 9.75
CA SER D 159 19.65 -30.60 9.23
C SER D 159 18.91 -31.60 10.10
N GLY D 160 17.75 -31.19 10.62
CA GLY D 160 16.87 -32.08 11.35
C GLY D 160 17.13 -32.17 12.84
N ASN D 161 18.24 -31.62 13.33
CA ASN D 161 18.60 -31.72 14.75
C ASN D 161 18.42 -30.39 15.48
N SER D 162 17.65 -29.46 14.92
CA SER D 162 17.44 -28.16 15.54
C SER D 162 15.96 -27.81 15.59
N GLN D 163 15.60 -26.94 16.53
CA GLN D 163 14.25 -26.46 16.71
C GLN D 163 14.28 -24.96 17.00
N GLU D 164 13.28 -24.25 16.50
CA GLU D 164 13.19 -22.80 16.65
C GLU D 164 11.96 -22.43 17.48
N SER D 165 12.00 -21.23 18.03
CA SER D 165 10.88 -20.68 18.79
C SER D 165 10.89 -19.16 18.63
N VAL D 166 9.74 -18.59 18.27
CA VAL D 166 9.62 -17.17 18.01
C VAL D 166 8.65 -16.56 19.00
N THR D 167 9.01 -15.40 19.54
CA THR D 167 8.12 -14.68 20.44
C THR D 167 7.06 -13.93 19.65
N GLU D 168 5.99 -13.55 20.34
CA GLU D 168 4.99 -12.71 19.72
C GLU D 168 5.52 -11.28 19.59
N GLN D 169 4.87 -10.51 18.72
CA GLN D 169 5.30 -9.14 18.47
C GLN D 169 5.24 -8.33 19.76
N ASP D 170 6.36 -7.68 20.09
CA ASP D 170 6.49 -7.00 21.37
C ASP D 170 5.52 -5.83 21.47
N SER D 171 5.07 -5.56 22.71
CA SER D 171 4.15 -4.46 22.93
C SER D 171 4.85 -3.11 22.85
N LYS D 172 6.13 -3.05 23.22
CA LYS D 172 6.86 -1.78 23.20
C LYS D 172 7.29 -1.40 21.79
N ASP D 173 8.24 -2.15 21.23
CA ASP D 173 8.87 -1.80 19.97
C ASP D 173 8.41 -2.65 18.79
N SER D 174 7.41 -3.52 19.00
CA SER D 174 6.83 -4.34 17.93
C SER D 174 7.87 -5.21 17.24
N THR D 175 8.88 -5.66 17.97
CA THR D 175 9.92 -6.51 17.42
C THR D 175 9.66 -7.97 17.77
N TYR D 176 10.49 -8.84 17.18
CA TYR D 176 10.43 -10.27 17.43
C TYR D 176 11.78 -10.76 17.94
N SER D 177 11.73 -11.87 18.68
CA SER D 177 12.93 -12.55 19.14
C SER D 177 12.82 -14.03 18.83
N LEU D 178 13.93 -14.63 18.40
CA LEU D 178 13.96 -16.02 17.97
C LEU D 178 15.08 -16.76 18.68
N SER D 179 14.82 -18.01 19.03
CA SER D 179 15.82 -18.88 19.65
C SER D 179 15.84 -20.21 18.90
N SER D 180 17.03 -20.60 18.44
CA SER D 180 17.23 -21.86 17.76
C SER D 180 18.17 -22.72 18.61
N THR D 181 17.73 -23.91 18.96
CA THR D 181 18.49 -24.80 19.83
C THR D 181 18.94 -26.03 19.04
N LEU D 182 20.24 -26.31 19.09
CA LEU D 182 20.84 -27.45 18.41
C LEU D 182 21.15 -28.53 19.43
N THR D 183 20.52 -29.70 19.27
CA THR D 183 20.66 -30.80 20.21
C THR D 183 21.54 -31.90 19.62
N LEU D 184 22.55 -32.29 20.37
CA LEU D 184 23.43 -33.39 20.00
C LEU D 184 23.64 -34.29 21.21
N SER D 185 24.15 -35.49 20.95
CA SER D 185 24.69 -36.31 22.01
C SER D 185 26.07 -35.79 22.40
N LYS D 186 26.46 -36.05 23.65
CA LYS D 186 27.79 -35.62 24.09
C LYS D 186 28.88 -36.27 23.27
N ALA D 187 28.68 -37.50 22.80
CA ALA D 187 29.66 -38.16 21.95
C ALA D 187 29.84 -37.40 20.64
N ASP D 188 28.73 -37.11 19.96
CA ASP D 188 28.81 -36.35 18.71
C ASP D 188 29.31 -34.93 18.94
N TYR D 189 28.95 -34.32 20.08
CA TYR D 189 29.38 -32.95 20.35
C TYR D 189 30.88 -32.85 20.48
N GLU D 190 31.54 -33.89 20.99
CA GLU D 190 32.99 -33.86 21.16
C GLU D 190 33.74 -34.29 19.90
N LYS D 191 33.03 -34.68 18.85
CA LYS D 191 33.67 -35.03 17.59
C LYS D 191 33.97 -33.83 16.71
N HIS D 192 33.63 -32.62 17.15
CA HIS D 192 33.79 -31.43 16.32
C HIS D 192 34.23 -30.26 17.17
N LYS D 193 34.91 -29.31 16.53
CA LYS D 193 35.53 -28.18 17.20
C LYS D 193 34.71 -26.90 17.12
N VAL D 194 34.34 -26.47 15.91
CA VAL D 194 33.74 -25.16 15.68
C VAL D 194 32.24 -25.34 15.46
N TYR D 195 31.44 -24.62 16.24
CA TYR D 195 29.99 -24.61 16.11
C TYR D 195 29.55 -23.20 15.77
N ALA D 196 28.91 -23.04 14.61
CA ALA D 196 28.57 -21.73 14.08
C ALA D 196 27.07 -21.60 13.88
N CYS D 197 26.56 -20.40 14.16
CA CYS D 197 25.17 -20.04 13.91
C CYS D 197 25.17 -18.96 12.82
N GLU D 198 24.61 -19.30 11.66
CA GLU D 198 24.55 -18.39 10.53
C GLU D 198 23.15 -17.81 10.40
N VAL D 199 23.07 -16.48 10.37
CA VAL D 199 21.80 -15.76 10.46
C VAL D 199 21.65 -14.85 9.24
N THR D 200 20.50 -14.94 8.58
CA THR D 200 20.17 -14.09 7.44
C THR D 200 18.87 -13.36 7.71
N HIS D 201 18.86 -12.06 7.44
CA HIS D 201 17.72 -11.20 7.73
C HIS D 201 17.87 -9.93 6.90
N GLN D 202 16.74 -9.40 6.42
CA GLN D 202 16.81 -8.28 5.48
C GLN D 202 17.40 -7.03 6.11
N GLY D 203 17.44 -6.95 7.45
CA GLY D 203 18.12 -5.86 8.11
C GLY D 203 19.62 -5.99 8.17
N LEU D 204 20.16 -7.12 7.70
CA LEU D 204 21.60 -7.36 7.67
C LEU D 204 22.07 -7.31 6.22
N SER D 205 23.14 -6.54 5.98
CA SER D 205 23.66 -6.42 4.61
C SER D 205 24.18 -7.75 4.09
N SER D 206 24.74 -8.57 4.97
CA SER D 206 25.21 -9.90 4.63
C SER D 206 24.94 -10.82 5.81
N PRO D 207 24.91 -12.13 5.58
CA PRO D 207 24.68 -13.07 6.71
C PRO D 207 25.68 -12.87 7.84
N VAL D 208 25.19 -13.06 9.05
CA VAL D 208 25.99 -12.90 10.27
C VAL D 208 26.30 -14.28 10.83
N THR D 209 27.58 -14.53 11.12
CA THR D 209 28.05 -15.80 11.63
C THR D 209 28.65 -15.60 13.02
N LYS D 210 28.05 -16.25 14.01
CA LYS D 210 28.57 -16.27 15.38
C LYS D 210 28.97 -17.70 15.71
N SER D 211 30.23 -17.90 16.06
CA SER D 211 30.75 -19.23 16.29
C SER D 211 31.56 -19.27 17.59
N PHE D 212 31.83 -20.49 18.05
CA PHE D 212 32.69 -20.70 19.20
C PHE D 212 33.42 -22.02 19.03
N ASN D 213 34.51 -22.17 19.77
CA ASN D 213 35.28 -23.40 19.78
C ASN D 213 34.92 -24.20 21.03
N ARG D 214 34.71 -25.50 20.85
CA ARG D 214 34.34 -26.37 21.97
C ARG D 214 35.43 -26.32 23.03
N GLY D 215 35.04 -25.97 24.25
CA GLY D 215 35.99 -25.78 25.34
C GLY D 215 36.20 -24.33 25.71
N GLU D 216 35.18 -23.50 25.51
CA GLU D 216 35.24 -22.06 25.81
C GLU D 216 36.39 -21.40 25.04
N CYS D 217 36.30 -21.47 23.72
CA CYS D 217 37.30 -20.92 22.80
C CYS D 217 38.70 -21.46 23.09
N THR E 21 1.55 -10.86 -36.33
CA THR E 21 0.59 -9.89 -36.84
C THR E 21 -0.74 -9.98 -36.09
N GLU E 22 -1.37 -11.16 -36.12
CA GLU E 22 -2.62 -11.37 -35.41
C GLU E 22 -2.44 -11.21 -33.92
N GLU E 23 -1.25 -11.53 -33.40
CA GLU E 23 -0.95 -11.26 -32.00
C GLU E 23 -0.75 -9.77 -31.76
N GLU E 24 -0.12 -9.08 -32.72
CA GLU E 24 0.12 -7.65 -32.58
C GLU E 24 -1.17 -6.84 -32.62
N ILE E 25 -2.24 -7.40 -33.18
CA ILE E 25 -3.54 -6.72 -33.15
C ILE E 25 -4.18 -6.86 -31.77
N ILE E 26 -4.09 -8.04 -31.17
CA ILE E 26 -4.62 -8.26 -29.84
C ILE E 26 -3.95 -7.34 -28.82
N GLU E 27 -2.67 -7.05 -29.03
CA GLU E 27 -1.97 -6.12 -28.15
C GLU E 27 -2.57 -4.72 -28.23
N LYS E 28 -2.81 -4.23 -29.44
CA LYS E 28 -3.33 -2.87 -29.60
C LYS E 28 -4.78 -2.79 -29.15
N VAL E 29 -5.57 -3.84 -29.39
CA VAL E 29 -6.94 -3.87 -28.89
C VAL E 29 -6.95 -3.84 -27.37
N LYS E 30 -6.05 -4.62 -26.75
CA LYS E 30 -6.02 -4.69 -25.30
C LYS E 30 -5.64 -3.34 -24.68
N SER E 31 -4.77 -2.59 -25.35
CA SER E 31 -4.36 -1.29 -24.83
C SER E 31 -5.44 -0.22 -25.04
N ALA E 32 -6.38 -0.46 -25.96
CA ALA E 32 -7.45 0.49 -26.26
C ALA E 32 -8.62 0.36 -25.30
N LEU E 33 -8.93 -0.85 -24.81
CA LEU E 33 -10.07 -1.06 -23.94
C LEU E 33 -9.72 -0.98 -22.47
N LEU E 34 -8.71 -0.19 -22.10
CA LEU E 34 -8.30 -0.08 -20.71
C LEU E 34 -8.99 1.06 -19.98
N SER E 35 -9.15 2.21 -20.63
CA SER E 35 -9.79 3.36 -20.00
C SER E 35 -11.11 3.72 -20.67
N THR E 36 -11.55 2.92 -21.64
CA THR E 36 -12.81 3.19 -22.32
C THR E 36 -13.35 1.89 -22.89
N ASN E 37 -14.68 1.84 -23.04
CA ASN E 37 -15.35 0.68 -23.62
C ASN E 37 -15.44 0.75 -25.13
N LYS E 38 -15.12 1.90 -25.73
CA LYS E 38 -15.14 2.07 -27.19
C LYS E 38 -13.93 2.89 -27.60
N ALA E 39 -13.26 2.45 -28.66
CA ALA E 39 -12.04 3.11 -29.13
C ALA E 39 -11.84 2.82 -30.61
N VAL E 40 -10.89 3.52 -31.21
CA VAL E 40 -10.52 3.33 -32.60
C VAL E 40 -9.00 3.26 -32.69
N ILE E 41 -8.50 2.18 -33.29
CA ILE E 41 -7.07 1.97 -33.48
C ILE E 41 -6.80 1.81 -34.97
N SER E 42 -5.53 2.04 -35.34
CA SER E 42 -5.09 1.89 -36.72
C SER E 42 -4.24 0.62 -36.83
N VAL E 43 -4.62 -0.25 -37.76
CA VAL E 43 -3.96 -1.54 -37.94
C VAL E 43 -3.42 -1.60 -39.36
N GLU E 44 -2.17 -2.04 -39.50
CA GLU E 44 -1.55 -2.23 -40.80
C GLU E 44 -1.57 -3.73 -41.11
N LEU E 45 -2.68 -4.19 -41.69
CA LEU E 45 -2.85 -5.60 -41.98
C LEU E 45 -1.86 -6.09 -43.03
N LYS E 46 -2.04 -5.66 -44.28
CA LYS E 46 -1.15 -6.06 -45.36
C LYS E 46 -1.21 -4.97 -46.43
N GLY E 47 -0.22 -4.08 -46.42
CA GLY E 47 -0.14 -3.03 -47.42
C GLY E 47 -1.23 -1.99 -47.34
N ARG E 48 -1.82 -1.78 -46.16
CA ARG E 48 -2.87 -0.80 -46.01
C ARG E 48 -3.04 -0.49 -44.52
N THR E 49 -3.23 0.79 -44.21
CA THR E 49 -3.53 1.23 -42.85
C THR E 49 -5.05 1.20 -42.68
N ILE E 50 -5.54 0.25 -41.91
CA ILE E 50 -6.97 -0.01 -41.78
C ILE E 50 -7.45 0.61 -40.48
N PRO E 51 -8.41 1.55 -40.53
CA PRO E 51 -9.05 1.98 -39.28
C PRO E 51 -9.93 0.86 -38.71
N LEU E 52 -9.84 0.67 -37.40
CA LEU E 52 -10.50 -0.44 -36.72
C LEU E 52 -11.28 0.10 -35.53
N TYR E 53 -12.57 -0.21 -35.49
CA TYR E 53 -13.44 0.21 -34.38
C TYR E 53 -13.52 -0.91 -33.35
N VAL E 54 -13.11 -0.61 -32.12
CA VAL E 54 -13.06 -1.63 -31.05
C VAL E 54 -14.16 -1.32 -30.03
N GLU E 55 -14.90 -2.33 -29.61
CA GLU E 55 -16.05 -2.11 -28.69
C GLU E 55 -16.14 -3.26 -27.70
N ILE E 56 -16.51 -2.97 -26.46
CA ILE E 56 -16.70 -4.05 -25.46
C ILE E 56 -18.00 -3.82 -24.70
N THR E 57 -18.68 -4.90 -24.32
CA THR E 57 -19.92 -4.82 -23.59
C THR E 57 -19.64 -5.01 -22.10
N LYS E 58 -20.65 -4.66 -21.29
CA LYS E 58 -20.56 -4.90 -19.85
C LYS E 58 -20.38 -6.38 -19.55
N GLU E 59 -21.04 -7.24 -20.31
CA GLU E 59 -20.89 -8.69 -20.09
C GLU E 59 -19.54 -9.18 -20.57
N GLY E 60 -18.91 -8.47 -21.51
CA GLY E 60 -17.57 -8.81 -21.94
C GLY E 60 -17.46 -9.27 -23.38
N LYS E 61 -18.39 -8.84 -24.23
CA LYS E 61 -18.41 -9.25 -25.63
C LYS E 61 -17.69 -8.19 -26.47
N LEU E 62 -16.65 -8.63 -27.18
CA LEU E 62 -15.84 -7.69 -27.99
C LEU E 62 -16.27 -7.73 -29.44
N HIS E 63 -16.49 -6.57 -30.05
CA HIS E 63 -16.76 -6.57 -31.51
C HIS E 63 -15.68 -5.71 -32.17
N LEU E 64 -15.06 -6.25 -33.22
CA LEU E 64 -14.08 -5.45 -33.97
C LEU E 64 -14.70 -5.13 -35.32
N THR E 65 -14.76 -3.85 -35.66
CA THR E 65 -15.43 -3.47 -36.92
C THR E 65 -14.42 -2.78 -37.84
N ALA E 66 -14.33 -3.26 -39.08
CA ALA E 66 -13.46 -2.60 -40.07
C ALA E 66 -14.37 -2.12 -41.19
N GLU E 67 -14.24 -0.86 -41.60
CA GLU E 67 -15.17 -0.27 -42.60
C GLU E 67 -14.41 -0.04 -43.90
N GLY E 68 -15.04 -0.31 -45.03
CA GLY E 68 -14.30 -0.23 -46.32
C GLY E 68 -13.14 -1.18 -46.28
N ALA E 69 -13.35 -2.36 -45.70
CA ALA E 69 -12.26 -3.35 -45.55
C ALA E 69 -12.53 -4.55 -46.46
N THR E 70 -11.50 -4.98 -47.19
CA THR E 70 -11.66 -6.11 -48.14
C THR E 70 -12.02 -7.39 -47.37
N GLU E 71 -12.88 -8.22 -47.95
CA GLU E 71 -13.23 -9.51 -47.30
C GLU E 71 -11.99 -10.08 -46.61
N GLU E 72 -10.87 -10.19 -47.32
CA GLU E 72 -9.63 -10.76 -46.73
C GLU E 72 -9.33 -9.97 -45.45
N GLU E 73 -9.16 -8.65 -45.57
CA GLU E 73 -8.89 -7.82 -44.41
C GLU E 73 -9.94 -8.03 -43.32
N LYS E 74 -11.19 -8.33 -43.71
CA LYS E 74 -12.24 -8.55 -42.71
C LYS E 74 -12.05 -9.87 -41.99
N GLU E 75 -11.57 -10.90 -42.68
CA GLU E 75 -11.46 -12.22 -42.05
C GLU E 75 -10.34 -12.26 -41.03
N ILE E 76 -9.21 -11.62 -41.32
CA ILE E 76 -8.12 -11.54 -40.35
C ILE E 76 -8.60 -10.83 -39.09
N ILE E 77 -9.49 -9.85 -39.23
CA ILE E 77 -10.04 -9.15 -38.06
C ILE E 77 -10.99 -10.06 -37.30
N LYS E 78 -11.74 -10.91 -38.01
CA LYS E 78 -12.60 -11.88 -37.33
C LYS E 78 -11.78 -12.92 -36.58
N GLU E 79 -10.63 -13.30 -37.13
CA GLU E 79 -9.75 -14.24 -36.42
C GLU E 79 -9.16 -13.61 -35.17
N ALA E 80 -8.77 -12.34 -35.25
CA ALA E 80 -8.25 -11.65 -34.07
C ALA E 80 -9.36 -11.44 -33.04
N GLN E 81 -10.57 -11.15 -33.49
CA GLN E 81 -11.69 -10.94 -32.59
C GLN E 81 -12.03 -12.22 -31.83
N LYS E 82 -11.94 -13.38 -32.50
CA LYS E 82 -12.22 -14.65 -31.83
C LYS E 82 -11.13 -14.98 -30.83
N ALA E 83 -9.87 -14.73 -31.18
CA ALA E 83 -8.77 -15.08 -30.29
C ALA E 83 -8.79 -14.27 -29.00
N PHE E 84 -9.12 -12.98 -29.09
CA PHE E 84 -9.17 -12.14 -27.89
C PHE E 84 -10.43 -12.42 -27.07
N GLN E 85 -11.54 -12.79 -27.74
CA GLN E 85 -12.76 -13.10 -27.00
C GLN E 85 -12.58 -14.32 -26.10
N GLU E 86 -11.85 -15.33 -26.58
CA GLU E 86 -11.57 -16.50 -25.77
C GLU E 86 -10.69 -16.14 -24.58
N GLU E 87 -9.71 -15.27 -24.79
CA GLU E 87 -8.88 -14.80 -23.69
C GLU E 87 -9.69 -14.00 -22.67
N ILE E 88 -10.67 -13.23 -23.12
CA ILE E 88 -11.50 -12.45 -22.21
C ILE E 88 -12.30 -13.38 -21.30
N GLU E 89 -13.01 -14.35 -21.88
CA GLU E 89 -13.81 -15.26 -21.08
C GLU E 89 -12.95 -16.14 -20.18
N HIS E 90 -11.78 -16.56 -20.68
CA HIS E 90 -10.86 -17.37 -19.89
C HIS E 90 -9.97 -16.49 -19.01
N THR F 21 -28.28 -42.75 -6.79
CA THR F 21 -28.27 -41.47 -7.48
C THR F 21 -29.27 -40.50 -6.86
N GLU F 22 -30.56 -40.83 -7.01
CA GLU F 22 -31.60 -39.98 -6.45
C GLU F 22 -31.54 -39.95 -4.93
N GLU F 23 -31.07 -41.03 -4.31
CA GLU F 23 -30.86 -41.03 -2.87
C GLU F 23 -29.61 -40.23 -2.50
N GLU F 24 -28.58 -40.27 -3.34
CA GLU F 24 -27.36 -39.52 -3.07
C GLU F 24 -27.55 -38.02 -3.25
N ILE F 25 -28.54 -37.60 -4.02
CA ILE F 25 -28.82 -36.17 -4.18
C ILE F 25 -29.48 -35.61 -2.92
N ILE F 26 -30.40 -36.36 -2.32
CA ILE F 26 -31.06 -35.90 -1.10
C ILE F 26 -30.06 -35.76 0.04
N GLU F 27 -29.00 -36.58 0.03
CA GLU F 27 -27.98 -36.49 1.08
C GLU F 27 -27.26 -35.15 1.04
N LYS F 28 -26.90 -34.69 -0.16
CA LYS F 28 -26.18 -33.42 -0.29
C LYS F 28 -27.09 -32.24 -0.04
N VAL F 29 -28.35 -32.33 -0.49
CA VAL F 29 -29.33 -31.29 -0.21
C VAL F 29 -29.50 -31.12 1.30
N LYS F 30 -29.46 -32.24 2.03
CA LYS F 30 -29.62 -32.16 3.48
C LYS F 30 -28.41 -31.49 4.13
N SER F 31 -27.21 -31.73 3.61
CA SER F 31 -26.03 -31.06 4.14
C SER F 31 -26.10 -29.56 3.92
N ALA F 32 -26.80 -29.12 2.87
CA ALA F 32 -26.84 -27.70 2.54
C ALA F 32 -27.71 -26.92 3.52
N LEU F 33 -28.94 -27.38 3.75
CA LEU F 33 -29.93 -26.63 4.52
C LEU F 33 -29.81 -26.87 6.03
N LEU F 34 -28.61 -27.17 6.52
CA LEU F 34 -28.40 -27.34 7.95
C LEU F 34 -28.05 -26.04 8.66
N SER F 35 -27.31 -25.14 8.01
CA SER F 35 -26.92 -23.86 8.59
C SER F 35 -27.34 -22.67 7.74
N THR F 36 -28.07 -22.90 6.65
CA THR F 36 -28.55 -21.81 5.80
C THR F 36 -29.85 -22.23 5.15
N ASN F 37 -30.62 -21.24 4.70
CA ASN F 37 -31.86 -21.51 3.98
C ASN F 37 -31.66 -21.59 2.48
N LYS F 38 -30.71 -20.84 1.92
CA LYS F 38 -30.32 -20.95 0.52
C LYS F 38 -28.90 -21.48 0.42
N ALA F 39 -28.68 -22.39 -0.52
CA ALA F 39 -27.35 -22.94 -0.74
C ALA F 39 -27.27 -23.49 -2.15
N VAL F 40 -26.04 -23.67 -2.62
CA VAL F 40 -25.77 -24.18 -3.95
C VAL F 40 -24.85 -25.39 -3.85
N ILE F 41 -25.28 -26.51 -4.43
CA ILE F 41 -24.48 -27.72 -4.46
C ILE F 41 -24.28 -28.13 -5.91
N SER F 42 -23.29 -29.00 -6.13
CA SER F 42 -22.99 -29.54 -7.45
C SER F 42 -23.47 -30.99 -7.51
N VAL F 43 -24.13 -31.34 -8.62
CA VAL F 43 -24.75 -32.64 -8.78
C VAL F 43 -24.35 -33.23 -10.13
N GLU F 44 -24.02 -34.52 -10.13
CA GLU F 44 -23.65 -35.25 -11.33
C GLU F 44 -24.87 -36.03 -11.83
N LEU F 45 -25.42 -35.62 -12.97
CA LEU F 45 -26.50 -36.35 -13.62
C LEU F 45 -25.92 -37.50 -14.44
N LYS F 46 -25.05 -38.29 -13.81
CA LYS F 46 -24.27 -39.35 -14.46
C LYS F 46 -23.27 -38.79 -15.47
N GLY F 47 -23.72 -37.91 -16.36
CA GLY F 47 -22.86 -37.43 -17.42
C GLY F 47 -22.62 -35.94 -17.46
N ARG F 48 -22.84 -35.24 -16.33
CA ARG F 48 -22.59 -33.80 -16.26
C ARG F 48 -22.69 -33.29 -14.84
N THR F 49 -21.69 -32.55 -14.38
CA THR F 49 -21.75 -31.87 -13.08
C THR F 49 -22.63 -30.64 -13.23
N ILE F 50 -23.80 -30.65 -12.61
CA ILE F 50 -24.78 -29.59 -12.80
C ILE F 50 -24.77 -28.68 -11.57
N PRO F 51 -24.84 -27.36 -11.74
CA PRO F 51 -25.04 -26.47 -10.58
C PRO F 51 -26.48 -26.52 -10.13
N LEU F 52 -26.68 -26.92 -8.87
CA LEU F 52 -28.01 -27.09 -8.30
C LEU F 52 -28.21 -26.07 -7.18
N TYR F 53 -29.32 -25.35 -7.24
CA TYR F 53 -29.70 -24.39 -6.22
C TYR F 53 -30.72 -25.02 -5.27
N VAL F 54 -30.46 -24.91 -3.97
CA VAL F 54 -31.28 -25.54 -2.94
C VAL F 54 -31.83 -24.45 -2.04
N GLU F 55 -33.12 -24.55 -1.72
CA GLU F 55 -33.77 -23.53 -0.89
C GLU F 55 -34.95 -24.14 -0.16
N ILE F 56 -35.18 -23.66 1.07
CA ILE F 56 -36.34 -24.04 1.86
C ILE F 56 -37.01 -22.76 2.35
N THR F 57 -38.30 -22.85 2.65
CA THR F 57 -39.08 -21.72 3.11
C THR F 57 -39.39 -21.86 4.60
N LYS F 58 -39.80 -20.75 5.22
CA LYS F 58 -40.17 -20.75 6.63
C LYS F 58 -41.35 -21.69 6.85
N GLU F 59 -41.09 -22.84 7.47
CA GLU F 59 -42.10 -23.90 7.61
C GLU F 59 -42.68 -24.27 6.24
N GLY F 60 -41.84 -24.19 5.21
CA GLY F 60 -42.32 -24.36 3.85
C GLY F 60 -41.65 -25.50 3.10
N LYS F 61 -41.73 -25.45 1.78
CA LYS F 61 -41.32 -26.55 0.92
C LYS F 61 -39.91 -26.33 0.36
N LEU F 62 -39.41 -27.36 -0.31
CA LEU F 62 -38.12 -27.34 -0.98
C LEU F 62 -38.27 -26.81 -2.40
N HIS F 63 -37.20 -26.22 -2.92
CA HIS F 63 -37.19 -25.66 -4.28
C HIS F 63 -35.80 -25.89 -4.88
N LEU F 64 -35.61 -27.07 -5.48
CA LEU F 64 -34.39 -27.39 -6.21
C LEU F 64 -34.49 -26.84 -7.63
N THR F 65 -33.49 -26.06 -8.03
CA THR F 65 -33.49 -25.39 -9.33
C THR F 65 -32.17 -25.63 -10.03
N ALA F 66 -32.21 -26.37 -11.13
CA ALA F 66 -31.04 -26.63 -11.98
C ALA F 66 -31.27 -25.85 -13.27
N GLU F 67 -30.84 -24.58 -13.28
CA GLU F 67 -31.08 -23.71 -14.41
C GLU F 67 -30.10 -23.99 -15.53
N GLY F 68 -30.61 -23.97 -16.76
CA GLY F 68 -29.80 -24.27 -17.93
C GLY F 68 -29.64 -25.74 -18.24
N ALA F 69 -30.12 -26.63 -17.37
CA ALA F 69 -30.02 -28.06 -17.61
C ALA F 69 -31.08 -28.52 -18.60
N THR F 70 -30.80 -29.65 -19.24
CA THR F 70 -31.74 -30.22 -20.19
C THR F 70 -32.98 -30.76 -19.47
N GLU F 71 -33.98 -31.15 -20.26
CA GLU F 71 -35.24 -31.58 -19.70
C GLU F 71 -35.08 -32.84 -18.84
N GLU F 72 -34.35 -33.84 -19.36
CA GLU F 72 -34.14 -35.07 -18.60
C GLU F 72 -33.44 -34.77 -17.26
N GLU F 73 -32.47 -33.87 -17.27
CA GLU F 73 -31.82 -33.47 -16.02
C GLU F 73 -32.81 -32.79 -15.09
N LYS F 74 -33.70 -31.96 -15.63
CA LYS F 74 -34.68 -31.27 -14.81
C LYS F 74 -35.64 -32.24 -14.14
N GLU F 75 -36.10 -33.26 -14.88
CA GLU F 75 -37.09 -34.18 -14.34
C GLU F 75 -36.50 -35.02 -13.20
N ILE F 76 -35.23 -35.42 -13.32
CA ILE F 76 -34.59 -36.16 -12.24
C ILE F 76 -34.49 -35.28 -11.00
N ILE F 77 -34.32 -33.98 -11.18
CA ILE F 77 -34.30 -33.07 -10.03
C ILE F 77 -35.68 -32.94 -9.43
N LYS F 78 -36.73 -32.90 -10.26
CA LYS F 78 -38.08 -32.86 -9.74
C LYS F 78 -38.43 -34.11 -8.96
N GLU F 79 -37.93 -35.27 -9.42
CA GLU F 79 -38.16 -36.51 -8.69
C GLU F 79 -37.42 -36.50 -7.35
N ALA F 80 -36.20 -35.97 -7.33
CA ALA F 80 -35.46 -35.83 -6.08
C ALA F 80 -36.09 -34.76 -5.19
N GLN F 81 -36.68 -33.73 -5.80
CA GLN F 81 -37.33 -32.69 -5.01
C GLN F 81 -38.56 -33.22 -4.30
N LYS F 82 -39.39 -34.02 -4.99
CA LYS F 82 -40.59 -34.58 -4.38
C LYS F 82 -40.24 -35.58 -3.29
N ALA F 83 -39.17 -36.36 -3.49
CA ALA F 83 -38.81 -37.38 -2.51
C ALA F 83 -38.49 -36.77 -1.15
N PHE F 84 -37.66 -35.72 -1.13
CA PHE F 84 -37.39 -35.04 0.13
C PHE F 84 -38.58 -34.18 0.57
N GLN F 85 -39.39 -33.73 -0.38
CA GLN F 85 -40.60 -32.99 -0.02
C GLN F 85 -41.59 -33.89 0.70
N GLU F 86 -41.78 -35.11 0.21
CA GLU F 86 -42.63 -36.07 0.91
C GLU F 86 -42.00 -36.52 2.22
N GLU F 87 -40.66 -36.55 2.28
CA GLU F 87 -39.97 -36.97 3.49
C GLU F 87 -40.08 -35.96 4.62
N ILE F 88 -40.61 -34.76 4.35
CA ILE F 88 -40.81 -33.77 5.41
C ILE F 88 -41.72 -34.35 6.51
N GLU F 89 -42.70 -35.14 6.12
CA GLU F 89 -43.57 -35.82 7.09
C GLU F 89 -43.53 -37.32 6.89
#